data_5N0M
#
_entry.id   5N0M
#
_cell.length_a   147.910
_cell.length_b   61.300
_cell.length_c   115.750
_cell.angle_alpha   90.00
_cell.angle_beta   124.83
_cell.angle_gamma   90.00
#
_symmetry.space_group_name_H-M   'C 1 2 1'
#
loop_
_entity.id
_entity.type
_entity.pdbx_description
1 polymer 'Protein-arginine deiminase type-4'
2 non-polymer 'SULFATE ION'
3 non-polymer 'CALCIUM ION'
4 non-polymer ~{N}-[(1~{S})-1-(1~{H}-benzimidazol-2-yl)-4-(2-fluoranylethanimidoylamino)butyl]-4-phenyl-benzamide
5 water water
#
_entity_poly.entity_id   1
_entity_poly.type   'polypeptide(L)'
_entity_poly.pdbx_seq_one_letter_code
;GPLGSPQMAQGTLIRVTPEQPTHAVCVLGTLTQLDICSSAPEDCTSFSINASPGVVVDIAHSPPAKKKSTGSSTWPLDPG
VEVTLTMKAASGSTGDQKVQISYYGPKTPPVKALLYLTAVEISLCADITRTGKVKPTRAVKDQRTWTWGPCGQGAILLVN
CDRDNLESSAMDCEDDEVLDSEDLQDMSLMTLSTKTPKDFFTNHTLVLHVARSEMDKVRVFQATRGKLSSKCSVVLGPKW
PSHYLMVPGGKHNMDFYVEALAFPDTDFPGLITLTISLLDTSNLELPEAVVFQDSVVFRVAPWIMTPNTQPPQEVYACSI
FENEDFLKSVTTLAMKAKCKLTICPEEENMDDQWMQDEMEIGYIQAPHKTLPVVFDSPRNRGLKEFPIKRVMGPDFGYVT
RGPQTGGISGLDSFGNLEVSPPVTVRGKEYPLGRILFGDSCYPSNDSRQMHQALQDFLSAQQVQAPVKLYSDWLSVGHVD
EFLSFVPAPDRKGFRLLLASPRSCYKLFQEQQNEGHGEALLFEGIKKKKQQKIKNILSNKTLREHNSFVERCIDWNRELL
KRELGLAESDIIDIPQLFKLKEFSKAEAFFPNMVNMLVLGKHLGIPKPFGPVINGRCCLEEKVCSLLEPLGLQCTFINDF
FTYHIRHGEVHCGTNVRRKPFSFKWWNMVP
;
_entity_poly.pdbx_strand_id   A
#
loop_
_chem_comp.id
_chem_comp.type
_chem_comp.name
_chem_comp.formula
8HT non-polymer ~{N}-[(1~{S})-1-(1~{H}-benzimidazol-2-yl)-4-(2-fluoranylethanimidoylamino)butyl]-4-phenyl-benzamide 'C26 H26 F N5 O'
CA non-polymer 'CALCIUM ION' 'Ca 2'
SO4 non-polymer 'SULFATE ION' 'O4 S -2'
#
# COMPACT_ATOMS: atom_id res chain seq x y z
N GLN A 10 -25.15 -11.46 16.78
CA GLN A 10 -26.28 -10.60 17.26
C GLN A 10 -26.83 -11.23 18.59
N GLY A 11 -28.16 -11.25 18.68
CA GLY A 11 -28.89 -11.56 19.89
C GLY A 11 -30.31 -11.84 19.44
N THR A 12 -30.92 -12.93 19.90
CA THR A 12 -32.30 -13.26 19.52
C THR A 12 -33.22 -13.28 20.71
N LEU A 13 -34.50 -13.01 20.46
CA LEU A 13 -35.48 -13.03 21.53
C LEU A 13 -36.53 -14.08 21.20
N ILE A 14 -36.66 -15.06 22.09
CA ILE A 14 -37.62 -16.15 21.92
C ILE A 14 -38.75 -15.95 22.92
N ARG A 15 -39.96 -16.05 22.38
CA ARG A 15 -41.20 -15.77 23.09
C ARG A 15 -41.75 -17.12 23.39
N VAL A 16 -42.05 -17.37 24.67
CA VAL A 16 -42.61 -18.66 25.09
C VAL A 16 -44.08 -18.54 25.52
N THR A 17 -44.82 -19.62 25.23
CA THR A 17 -46.27 -19.71 25.50
C THR A 17 -46.65 -21.08 26.06
N PRO A 18 -47.58 -21.10 27.00
CA PRO A 18 -48.18 -22.40 27.31
C PRO A 18 -49.06 -22.90 26.16
N GLU A 19 -49.69 -22.01 25.40
CA GLU A 19 -50.50 -22.44 24.20
C GLU A 19 -49.93 -23.66 23.45
N GLN A 20 -48.69 -23.56 22.96
CA GLN A 20 -48.03 -24.74 22.41
C GLN A 20 -46.51 -24.60 22.53
N PRO A 21 -45.78 -25.66 22.17
CA PRO A 21 -44.36 -25.63 22.30
C PRO A 21 -43.70 -24.81 21.19
N THR A 22 -42.53 -24.29 21.49
CA THR A 22 -41.77 -23.48 20.57
C THR A 22 -40.49 -24.22 20.15
N HIS A 23 -40.11 -23.99 18.88
CA HIS A 23 -38.98 -24.58 18.24
C HIS A 23 -38.09 -23.48 17.72
N ALA A 24 -36.81 -23.50 18.06
CA ALA A 24 -35.89 -22.48 17.59
C ALA A 24 -34.47 -23.01 17.42
N VAL A 25 -33.72 -22.34 16.54
CA VAL A 25 -32.32 -22.59 16.30
C VAL A 25 -31.51 -21.54 17.05
N CYS A 26 -30.37 -21.95 17.61
CA CYS A 26 -29.50 -21.08 18.41
C CYS A 26 -28.14 -21.23 17.87
N VAL A 27 -27.58 -20.15 17.32
CA VAL A 27 -26.20 -20.27 16.82
C VAL A 27 -25.24 -20.06 17.99
N LEU A 28 -24.23 -20.90 18.09
CA LEU A 28 -23.21 -20.76 19.15
C LEU A 28 -22.43 -19.45 19.00
N GLY A 29 -22.24 -18.77 20.13
CA GLY A 29 -21.61 -17.44 20.17
C GLY A 29 -22.61 -16.29 20.19
N THR A 30 -23.88 -16.59 20.28
CA THR A 30 -24.95 -15.64 20.11
C THR A 30 -25.62 -15.59 21.45
N LEU A 31 -26.21 -14.45 21.75
CA LEU A 31 -26.95 -14.26 22.98
C LEU A 31 -28.41 -14.57 22.67
N THR A 32 -29.02 -15.46 23.43
CA THR A 32 -30.42 -15.81 23.22
C THR A 32 -31.12 -15.42 24.50
N GLN A 33 -32.21 -14.70 24.37
CA GLN A 33 -32.96 -14.26 25.54
C GLN A 33 -34.39 -14.80 25.47
N LEU A 34 -35.04 -14.75 26.61
CA LEU A 34 -36.38 -15.26 26.74
C LEU A 34 -37.38 -14.23 27.17
N ASP A 35 -38.48 -14.16 26.42
CA ASP A 35 -39.68 -13.46 26.85
C ASP A 35 -40.64 -14.48 27.49
N ILE A 36 -40.71 -14.38 28.81
CA ILE A 36 -41.53 -15.22 29.65
C ILE A 36 -42.88 -14.60 29.91
N CYS A 37 -42.94 -13.27 30.02
CA CYS A 37 -44.17 -12.61 30.45
C CYS A 37 -45.24 -12.36 29.38
N SER A 38 -44.89 -12.16 28.10
CA SER A 38 -45.92 -11.83 27.09
C SER A 38 -47.15 -12.74 27.15
N SER A 39 -46.92 -14.04 27.28
CA SER A 39 -47.96 -15.03 27.20
C SER A 39 -48.08 -15.84 28.49
N ALA A 40 -47.50 -15.32 29.55
CA ALA A 40 -47.62 -15.97 30.84
C ALA A 40 -49.08 -16.04 31.16
N PRO A 41 -49.58 -17.23 31.51
CA PRO A 41 -51.01 -17.36 31.71
C PRO A 41 -51.48 -16.72 33.00
N GLU A 42 -52.76 -16.42 33.10
CA GLU A 42 -53.17 -15.81 34.34
C GLU A 42 -53.59 -16.85 35.35
N ASP A 43 -53.85 -16.38 36.57
CA ASP A 43 -53.77 -17.16 37.77
C ASP A 43 -52.36 -16.95 38.35
N CYS A 44 -51.41 -16.50 37.51
CA CYS A 44 -50.00 -16.77 37.77
C CYS A 44 -49.15 -15.60 38.26
N THR A 45 -48.26 -15.96 39.16
CA THR A 45 -47.50 -15.03 39.94
C THR A 45 -45.97 -15.28 39.89
N SER A 46 -45.54 -16.51 39.57
CA SER A 46 -44.13 -16.87 39.62
C SER A 46 -43.75 -17.83 38.50
N PHE A 47 -42.44 -18.05 38.39
CA PHE A 47 -41.94 -19.07 37.44
C PHE A 47 -40.66 -19.74 37.89
N SER A 48 -40.43 -20.87 37.23
CA SER A 48 -39.23 -21.69 37.38
C SER A 48 -38.81 -22.12 36.02
N ILE A 49 -37.51 -22.34 35.87
CA ILE A 49 -36.97 -22.84 34.65
C ILE A 49 -36.16 -24.05 34.95
N ASN A 50 -36.38 -25.04 34.11
CA ASN A 50 -35.63 -26.23 34.10
C ASN A 50 -35.22 -26.46 32.62
N ALA A 51 -33.99 -26.89 32.40
CA ALA A 51 -33.43 -27.16 31.07
C ALA A 51 -32.53 -28.39 31.04
N SER A 52 -32.39 -28.98 29.86
CA SER A 52 -31.44 -30.04 29.65
C SER A 52 -29.98 -29.57 29.86
N PRO A 53 -29.04 -30.54 30.04
CA PRO A 53 -27.66 -30.22 30.48
C PRO A 53 -26.78 -29.37 29.56
N GLY A 54 -27.05 -29.38 28.25
CA GLY A 54 -26.35 -28.53 27.28
C GLY A 54 -26.80 -27.06 27.18
N VAL A 55 -27.72 -26.63 28.04
CA VAL A 55 -28.24 -25.28 28.04
C VAL A 55 -27.83 -24.69 29.37
N VAL A 56 -27.19 -23.53 29.34
CA VAL A 56 -26.94 -22.75 30.55
C VAL A 56 -27.95 -21.61 30.59
N VAL A 57 -28.59 -21.46 31.75
CA VAL A 57 -29.62 -20.47 32.01
C VAL A 57 -29.10 -19.44 33.01
N ASP A 58 -29.26 -18.16 32.69
CA ASP A 58 -28.89 -17.05 33.59
C ASP A 58 -30.04 -16.12 33.84
N ILE A 59 -30.11 -15.55 35.04
CA ILE A 59 -31.25 -14.75 35.43
C ILE A 59 -30.85 -13.60 36.36
N ALA A 60 -30.88 -12.36 35.86
CA ALA A 60 -30.52 -11.16 36.66
C ALA A 60 -31.77 -10.34 37.08
N HIS A 61 -31.57 -9.16 37.69
CA HIS A 61 -32.64 -8.32 38.32
C HIS A 61 -33.50 -9.03 39.38
N SER A 73 -33.97 -22.46 42.67
CA SER A 73 -34.65 -21.21 43.02
C SER A 73 -35.77 -20.93 42.02
N THR A 74 -36.60 -19.95 42.35
CA THR A 74 -37.69 -19.55 41.46
C THR A 74 -37.86 -18.06 41.57
N TRP A 75 -38.60 -17.49 40.63
CA TRP A 75 -38.60 -16.06 40.46
C TRP A 75 -39.97 -15.48 40.29
N PRO A 76 -40.12 -14.19 40.67
CA PRO A 76 -41.33 -13.46 40.36
C PRO A 76 -41.45 -13.26 38.88
N LEU A 77 -42.68 -13.30 38.42
CA LEU A 77 -42.99 -13.17 37.02
C LEU A 77 -43.13 -11.67 36.74
N ASP A 78 -42.01 -11.01 36.47
CA ASP A 78 -41.96 -9.54 36.27
C ASP A 78 -41.14 -9.20 35.01
N PRO A 79 -41.64 -8.31 34.12
CA PRO A 79 -40.99 -8.17 32.81
C PRO A 79 -39.53 -7.72 32.85
N GLY A 80 -39.14 -6.95 33.86
CA GLY A 80 -37.76 -6.47 33.98
C GLY A 80 -36.71 -7.53 34.27
N VAL A 81 -37.17 -8.71 34.72
CA VAL A 81 -36.27 -9.83 35.02
C VAL A 81 -35.74 -10.45 33.73
N GLU A 82 -34.43 -10.69 33.68
CA GLU A 82 -33.78 -11.12 32.43
C GLU A 82 -33.33 -12.58 32.39
N VAL A 83 -33.73 -13.29 31.32
CA VAL A 83 -33.39 -14.72 31.13
C VAL A 83 -32.62 -15.00 29.83
N THR A 84 -31.41 -15.56 29.99
CA THR A 84 -30.46 -15.79 28.89
C THR A 84 -30.13 -17.25 28.75
N LEU A 85 -30.06 -17.73 27.52
CA LEU A 85 -29.73 -19.13 27.26
C LEU A 85 -28.46 -19.22 26.51
N THR A 86 -27.64 -20.18 26.86
CA THR A 86 -26.36 -20.37 26.21
C THR A 86 -26.25 -21.85 25.92
N MET A 87 -25.72 -22.21 24.77
CA MET A 87 -25.58 -23.60 24.44
C MET A 87 -24.11 -23.92 24.38
N LYS A 88 -23.79 -25.09 24.92
CA LYS A 88 -22.40 -25.52 25.14
C LYS A 88 -21.80 -26.14 23.91
N ALA A 89 -22.62 -26.80 23.11
CA ALA A 89 -22.11 -27.62 22.03
C ALA A 89 -23.18 -27.68 20.95
N ALA A 90 -22.78 -28.05 19.73
CA ALA A 90 -23.72 -28.23 18.64
C ALA A 90 -24.62 -29.44 18.91
N SER A 91 -25.87 -29.36 18.44
CA SER A 91 -26.81 -30.45 18.50
C SER A 91 -26.45 -31.54 17.55
N GLY A 92 -26.69 -32.80 17.98
CA GLY A 92 -26.60 -33.98 17.12
C GLY A 92 -27.88 -34.21 16.33
N SER A 93 -28.99 -33.80 16.92
CA SER A 93 -30.26 -33.82 16.19
C SER A 93 -31.24 -32.68 16.52
N THR A 94 -32.07 -32.38 15.53
CA THR A 94 -33.09 -31.36 15.67
C THR A 94 -33.82 -31.47 16.98
N GLY A 95 -33.68 -30.46 17.82
CA GLY A 95 -34.53 -30.33 18.99
C GLY A 95 -34.01 -31.12 20.17
N ASP A 96 -32.74 -31.48 20.17
CA ASP A 96 -32.20 -32.34 21.24
C ASP A 96 -31.90 -31.65 22.55
N GLN A 97 -32.24 -30.38 22.69
CA GLN A 97 -32.01 -29.65 23.92
C GLN A 97 -33.35 -28.98 24.21
N LYS A 98 -33.76 -28.95 25.48
CA LYS A 98 -35.11 -28.57 25.85
C LYS A 98 -35.07 -27.59 26.98
N VAL A 99 -36.06 -26.71 26.97
CA VAL A 99 -36.24 -25.78 28.06
C VAL A 99 -37.71 -25.86 28.43
N GLN A 100 -37.95 -25.84 29.73
CA GLN A 100 -39.28 -26.01 30.28
C GLN A 100 -39.46 -24.92 31.26
N ILE A 101 -40.46 -24.08 31.02
CA ILE A 101 -40.76 -22.98 31.89
C ILE A 101 -42.01 -23.36 32.63
N SER A 102 -41.98 -23.17 33.95
CA SER A 102 -43.09 -23.55 34.82
C SER A 102 -43.66 -22.32 35.46
N TYR A 103 -44.90 -22.00 35.07
CA TYR A 103 -45.65 -20.90 35.66
C TYR A 103 -46.54 -21.42 36.80
N TYR A 104 -46.52 -20.75 37.94
CA TYR A 104 -47.36 -21.19 39.04
C TYR A 104 -47.74 -20.03 39.92
N GLY A 105 -48.68 -20.29 40.83
CA GLY A 105 -49.23 -19.27 41.67
C GLY A 105 -49.71 -19.77 43.01
N PRO A 106 -50.41 -18.89 43.76
CA PRO A 106 -50.89 -19.21 45.10
C PRO A 106 -51.69 -20.51 45.17
N LYS A 107 -52.80 -20.60 44.45
CA LYS A 107 -53.64 -21.80 44.48
C LYS A 107 -53.70 -22.38 43.07
N THR A 108 -52.63 -22.23 42.30
CA THR A 108 -52.66 -22.59 40.90
C THR A 108 -51.66 -23.71 40.64
N PRO A 109 -52.15 -24.84 40.08
CA PRO A 109 -51.22 -25.93 39.73
C PRO A 109 -50.30 -25.48 38.62
N PRO A 110 -49.00 -25.86 38.63
CA PRO A 110 -48.03 -25.44 37.61
C PRO A 110 -48.48 -25.68 36.19
N VAL A 111 -48.24 -24.76 35.27
CA VAL A 111 -48.39 -25.06 33.85
C VAL A 111 -47.04 -24.80 33.20
N LYS A 112 -46.82 -25.54 32.13
CA LYS A 112 -45.51 -25.68 31.57
C LYS A 112 -45.58 -25.14 30.15
N ALA A 113 -44.54 -24.39 29.79
CA ALA A 113 -44.31 -24.03 28.41
C ALA A 113 -42.99 -24.66 28.03
N LEU A 114 -42.97 -25.23 26.84
CA LEU A 114 -41.85 -25.98 26.32
C LEU A 114 -41.16 -25.20 25.19
N LEU A 115 -39.83 -25.33 25.18
CA LEU A 115 -39.01 -24.80 24.13
C LEU A 115 -38.02 -25.87 23.69
N TYR A 116 -38.07 -26.25 22.43
CA TYR A 116 -37.16 -27.23 21.89
C TYR A 116 -36.11 -26.52 21.08
N LEU A 117 -34.84 -26.69 21.46
CA LEU A 117 -33.78 -25.96 20.79
C LEU A 117 -32.88 -26.85 20.00
N THR A 118 -32.37 -26.32 18.91
CA THR A 118 -31.34 -26.94 18.10
C THR A 118 -30.14 -25.96 18.06
N ALA A 119 -28.98 -26.40 18.57
CA ALA A 119 -27.79 -25.58 18.57
C ALA A 119 -26.96 -25.91 17.39
N VAL A 120 -26.44 -24.88 16.74
CA VAL A 120 -25.47 -25.08 15.64
C VAL A 120 -24.28 -24.13 15.71
N GLU A 121 -23.22 -24.50 15.00
CA GLU A 121 -22.05 -23.71 14.85
C GLU A 121 -21.97 -23.23 13.42
N ILE A 122 -21.96 -21.90 13.22
CA ILE A 122 -21.60 -21.25 11.93
C ILE A 122 -20.45 -20.23 12.14
N SER A 123 -19.26 -20.51 11.64
CA SER A 123 -18.14 -19.61 11.85
C SER A 123 -17.56 -19.31 10.52
N LEU A 124 -17.60 -18.05 10.15
CA LEU A 124 -16.89 -17.60 8.99
C LEU A 124 -15.55 -17.05 9.46
N CYS A 125 -14.46 -17.57 8.92
CA CYS A 125 -13.13 -17.32 9.51
C CYS A 125 -12.12 -16.82 8.51
N ALA A 126 -11.27 -15.92 8.96
CA ALA A 126 -10.24 -15.31 8.12
C ALA A 126 -9.05 -14.98 9.01
N ASP A 127 -7.92 -14.69 8.39
CA ASP A 127 -6.75 -14.30 9.18
C ASP A 127 -6.85 -12.90 9.85
N ILE A 128 -7.74 -12.77 10.84
CA ILE A 128 -7.97 -11.47 11.44
C ILE A 128 -6.86 -11.02 12.36
N THR A 129 -5.99 -11.90 12.77
CA THR A 129 -4.88 -11.51 13.64
C THR A 129 -3.61 -11.26 12.86
N ARG A 130 -3.67 -11.41 11.54
CA ARG A 130 -2.57 -11.10 10.64
C ARG A 130 -1.31 -11.90 10.90
N THR A 131 -1.49 -13.20 11.07
CA THR A 131 -0.40 -14.13 11.37
C THR A 131 -0.24 -15.25 10.34
N GLY A 132 -0.91 -15.18 9.19
CA GLY A 132 -0.75 -16.21 8.14
C GLY A 132 -1.52 -17.52 8.32
N LYS A 133 -2.17 -17.68 9.48
CA LYS A 133 -3.01 -18.83 9.77
C LYS A 133 -4.45 -18.33 9.72
N VAL A 134 -5.44 -19.17 10.02
CA VAL A 134 -6.84 -18.69 10.04
C VAL A 134 -7.45 -18.81 11.43
N LYS A 135 -7.71 -20.04 11.87
CA LYS A 135 -8.55 -20.32 13.04
C LYS A 135 -7.92 -19.90 14.35
N ARG A 144 -16.88 -8.15 12.88
CA ARG A 144 -16.89 -6.86 13.54
C ARG A 144 -16.44 -5.77 12.57
N THR A 145 -15.26 -5.22 12.81
CA THR A 145 -14.78 -4.02 12.18
C THR A 145 -13.30 -4.26 11.84
N TRP A 146 -12.72 -3.33 11.10
CA TRP A 146 -11.30 -3.41 10.78
C TRP A 146 -10.58 -2.33 11.54
N THR A 147 -9.54 -2.67 12.29
CA THR A 147 -8.86 -1.64 13.07
C THR A 147 -7.37 -1.61 12.85
N TRP A 148 -6.79 -0.43 12.83
CA TRP A 148 -5.35 -0.30 12.54
C TRP A 148 -4.50 -0.54 13.77
N GLY A 149 -3.24 -0.86 13.57
CA GLY A 149 -2.27 -0.82 14.65
C GLY A 149 -1.90 -2.18 15.17
N PRO A 150 -0.94 -2.20 16.10
CA PRO A 150 -0.49 -3.51 16.56
C PRO A 150 -1.49 -4.17 17.51
N CYS A 151 -2.37 -3.40 18.13
CA CYS A 151 -3.46 -3.97 18.90
C CYS A 151 -4.77 -4.06 18.11
N GLY A 152 -4.71 -4.06 16.77
CA GLY A 152 -5.92 -4.05 15.96
C GLY A 152 -6.22 -5.41 15.34
N GLN A 153 -7.28 -5.45 14.55
CA GLN A 153 -7.86 -6.67 13.99
C GLN A 153 -8.42 -6.43 12.63
N GLY A 154 -8.32 -7.46 11.81
CA GLY A 154 -9.00 -7.51 10.51
C GLY A 154 -8.04 -8.06 9.48
N ALA A 155 -8.57 -8.88 8.59
CA ALA A 155 -7.74 -9.61 7.64
C ALA A 155 -7.35 -8.69 6.51
N ILE A 156 -6.31 -9.10 5.80
CA ILE A 156 -5.78 -8.35 4.68
C ILE A 156 -6.05 -9.10 3.37
N LEU A 157 -6.19 -8.35 2.31
CA LEU A 157 -6.49 -8.88 1.01
C LEU A 157 -5.62 -8.16 -0.02
N LEU A 158 -5.00 -8.90 -0.93
CA LEU A 158 -4.13 -8.33 -1.95
C LEU A 158 -4.90 -8.15 -3.22
N VAL A 159 -4.60 -7.09 -3.95
CA VAL A 159 -5.07 -7.00 -5.32
C VAL A 159 -4.24 -7.99 -6.14
N ASN A 160 -4.92 -8.77 -6.96
CA ASN A 160 -4.30 -9.84 -7.73
C ASN A 160 -3.86 -9.32 -9.11
N CYS A 161 -2.91 -8.39 -9.04
CA CYS A 161 -2.53 -7.54 -10.15
C CYS A 161 -1.23 -7.98 -10.79
N ASP A 162 -0.65 -9.10 -10.34
CA ASP A 162 0.43 -9.79 -11.10
C ASP A 162 -0.14 -10.70 -12.21
N ARG A 163 0.76 -11.45 -12.85
CA ARG A 163 0.43 -12.37 -13.95
C ARG A 163 1.20 -13.68 -13.79
N ASP A 164 0.76 -14.51 -12.85
CA ASP A 164 1.34 -15.83 -12.64
C ASP A 164 1.10 -16.76 -13.86
N ASN A 165 -0.07 -16.61 -14.48
CA ASN A 165 -0.37 -17.23 -15.77
C ASN A 165 0.74 -16.93 -16.80
N LEU A 166 1.44 -17.96 -17.26
CA LEU A 166 2.59 -17.77 -18.14
C LEU A 166 2.18 -17.54 -19.60
N GLU A 167 0.86 -17.57 -19.86
CA GLU A 167 0.31 -17.46 -21.20
C GLU A 167 0.03 -16.02 -21.68
N SER A 168 -1.09 -15.39 -21.21
CA SER A 168 -1.60 -14.09 -21.76
C SER A 168 -0.89 -12.88 -21.12
N SER A 169 -1.28 -11.66 -21.49
CA SER A 169 -0.72 -10.46 -20.86
C SER A 169 -1.78 -9.68 -20.06
N ALA A 170 -2.61 -10.43 -19.35
CA ALA A 170 -3.68 -9.88 -18.52
C ALA A 170 -3.25 -10.07 -17.08
N MET A 171 -3.65 -9.16 -16.19
CA MET A 171 -3.57 -9.44 -14.73
C MET A 171 -4.43 -10.66 -14.41
N ASP A 172 -3.97 -11.54 -13.52
CA ASP A 172 -4.77 -12.69 -13.07
C ASP A 172 -6.23 -12.39 -12.73
N CYS A 173 -6.48 -11.25 -12.08
CA CYS A 173 -7.83 -10.92 -11.57
C CYS A 173 -8.81 -10.34 -12.58
N GLU A 174 -8.39 -10.17 -13.84
CA GLU A 174 -9.34 -9.64 -14.85
C GLU A 174 -10.39 -10.65 -15.38
N ASP A 175 -10.22 -11.94 -15.11
CA ASP A 175 -11.17 -12.97 -15.61
C ASP A 175 -11.87 -13.57 -14.39
N ASP A 176 -12.69 -14.60 -14.60
CA ASP A 176 -13.41 -15.29 -13.52
C ASP A 176 -12.90 -16.71 -13.20
N GLU A 177 -11.60 -16.95 -13.41
CA GLU A 177 -11.03 -18.30 -13.24
C GLU A 177 -9.67 -18.24 -12.57
N VAL A 178 -9.36 -19.26 -11.78
CA VAL A 178 -8.02 -19.52 -11.27
C VAL A 178 -7.33 -20.49 -12.22
N LEU A 179 -6.44 -19.97 -13.06
CA LEU A 179 -5.81 -20.77 -14.09
C LEU A 179 -4.50 -21.43 -13.66
N ASP A 180 -3.91 -21.06 -12.52
CA ASP A 180 -2.73 -21.76 -11.95
C ASP A 180 -2.99 -22.08 -10.51
N SER A 181 -2.34 -23.10 -9.97
CA SER A 181 -2.43 -23.35 -8.52
C SER A 181 -1.61 -22.31 -7.74
N GLU A 182 -0.57 -21.79 -8.39
CA GLU A 182 0.30 -20.75 -7.80
C GLU A 182 -0.47 -19.46 -7.52
N ASP A 183 -1.40 -19.12 -8.42
CA ASP A 183 -2.32 -17.99 -8.25
C ASP A 183 -2.95 -17.93 -6.83
N LEU A 184 -3.26 -19.10 -6.24
CA LEU A 184 -3.86 -19.18 -4.92
C LEU A 184 -3.04 -18.63 -3.78
N GLN A 185 -1.75 -18.51 -3.99
CA GLN A 185 -0.86 -18.04 -2.94
C GLN A 185 -1.03 -16.54 -2.78
N ASP A 186 -1.42 -15.87 -3.84
CA ASP A 186 -1.78 -14.45 -3.79
C ASP A 186 -3.13 -14.15 -3.11
N MET A 187 -3.96 -15.19 -2.87
CA MET A 187 -5.33 -15.02 -2.41
C MET A 187 -5.39 -15.21 -0.92
N SER A 188 -6.45 -14.68 -0.32
CA SER A 188 -6.62 -14.81 1.13
C SER A 188 -7.61 -15.94 1.37
N LEU A 189 -7.38 -16.64 2.48
CA LEU A 189 -8.16 -17.81 2.80
C LEU A 189 -9.23 -17.36 3.75
N MET A 190 -10.44 -17.87 3.52
CA MET A 190 -11.58 -17.74 4.40
C MET A 190 -12.23 -19.12 4.54
N THR A 191 -12.55 -19.54 5.74
CA THR A 191 -13.09 -20.87 5.95
C THR A 191 -14.41 -20.75 6.67
N LEU A 192 -15.39 -21.51 6.19
CA LEU A 192 -16.71 -21.63 6.83
C LEU A 192 -16.76 -22.97 7.52
N SER A 193 -17.08 -22.92 8.78
CA SER A 193 -16.92 -24.02 9.64
C SER A 193 -18.30 -24.25 10.22
N THR A 194 -18.93 -25.37 9.88
CA THR A 194 -20.26 -25.67 10.38
C THR A 194 -20.37 -26.96 11.18
N LYS A 195 -21.24 -26.93 12.16
CA LYS A 195 -21.56 -28.10 12.93
C LYS A 195 -23.05 -28.11 13.19
N THR A 196 -23.73 -29.08 12.58
CA THR A 196 -25.17 -29.18 12.62
C THR A 196 -25.64 -30.65 12.73
N PRO A 197 -26.89 -30.85 13.13
CA PRO A 197 -27.51 -32.17 12.88
C PRO A 197 -27.45 -32.52 11.42
N LYS A 198 -27.50 -33.81 11.10
CA LYS A 198 -27.35 -34.34 9.72
C LYS A 198 -28.37 -33.89 8.71
N ASP A 199 -29.58 -33.62 9.17
CA ASP A 199 -30.66 -33.15 8.29
C ASP A 199 -30.89 -31.65 8.37
N PHE A 200 -29.99 -30.91 9.02
CA PHE A 200 -30.26 -29.50 9.28
C PHE A 200 -30.55 -28.68 8.02
N PHE A 201 -29.86 -29.00 6.93
CA PHE A 201 -30.01 -28.23 5.71
C PHE A 201 -31.14 -28.73 4.81
N THR A 202 -32.00 -29.58 5.37
CA THR A 202 -33.28 -29.88 4.77
C THR A 202 -34.13 -28.61 4.78
N ASN A 203 -34.08 -27.91 5.92
CA ASN A 203 -34.95 -26.79 6.24
C ASN A 203 -34.23 -25.43 6.42
N HIS A 204 -32.91 -25.41 6.25
CA HIS A 204 -32.16 -24.16 6.32
C HIS A 204 -31.21 -24.10 5.18
N THR A 205 -30.86 -22.89 4.80
CA THR A 205 -29.89 -22.67 3.74
C THR A 205 -28.94 -21.50 4.10
N LEU A 206 -27.71 -21.62 3.68
CA LEU A 206 -26.67 -20.65 3.89
C LEU A 206 -26.39 -19.93 2.60
N VAL A 207 -26.32 -18.59 2.70
CA VAL A 207 -25.95 -17.77 1.58
C VAL A 207 -24.75 -16.87 1.97
N LEU A 208 -23.86 -16.74 1.03
CA LEU A 208 -22.69 -15.99 1.22
C LEU A 208 -22.89 -14.80 0.30
N HIS A 209 -22.60 -13.61 0.80
CA HIS A 209 -22.79 -12.42 -0.03
C HIS A 209 -21.87 -11.27 0.21
N VAL A 210 -21.90 -10.33 -0.70
CA VAL A 210 -21.16 -9.09 -0.63
C VAL A 210 -22.07 -7.99 -1.13
N ALA A 211 -21.93 -6.78 -0.61
CA ALA A 211 -22.84 -5.72 -1.06
C ALA A 211 -22.62 -5.41 -2.53
N ARG A 212 -23.66 -4.93 -3.18
CA ARG A 212 -23.58 -4.58 -4.60
C ARG A 212 -22.54 -3.51 -4.90
N SER A 213 -22.45 -2.61 -3.96
CA SER A 213 -21.50 -1.56 -3.82
C SER A 213 -20.07 -2.06 -3.89
N GLU A 214 -19.80 -3.26 -3.43
CA GLU A 214 -18.45 -3.73 -3.39
C GLU A 214 -18.16 -4.96 -4.23
N MET A 215 -19.16 -5.47 -4.96
CA MET A 215 -18.98 -6.71 -5.79
C MET A 215 -18.01 -6.55 -7.01
N ASP A 216 -17.95 -5.37 -7.58
CA ASP A 216 -16.98 -5.08 -8.64
C ASP A 216 -15.55 -4.96 -8.09
N LYS A 217 -15.33 -5.18 -6.78
CA LYS A 217 -13.98 -5.06 -6.21
C LYS A 217 -13.40 -6.31 -5.60
N VAL A 218 -14.12 -7.42 -5.62
CA VAL A 218 -13.62 -8.62 -5.00
C VAL A 218 -14.09 -9.77 -5.86
N ARG A 219 -13.36 -10.87 -5.80
CA ARG A 219 -13.82 -12.12 -6.35
C ARG A 219 -13.53 -13.21 -5.35
N VAL A 220 -14.51 -14.10 -5.15
CA VAL A 220 -14.39 -15.22 -4.20
C VAL A 220 -14.59 -16.54 -4.93
N PHE A 221 -13.72 -17.48 -4.59
CA PHE A 221 -13.70 -18.84 -5.16
C PHE A 221 -13.94 -19.90 -4.09
N GLN A 222 -14.76 -20.89 -4.43
CA GLN A 222 -14.91 -22.05 -3.58
C GLN A 222 -13.92 -23.11 -4.01
N ALA A 223 -13.22 -23.66 -3.02
CA ALA A 223 -12.28 -24.76 -3.21
C ALA A 223 -12.99 -26.09 -2.97
N THR A 224 -12.80 -27.04 -3.88
CA THR A 224 -13.59 -28.30 -3.91
C THR A 224 -12.75 -29.59 -3.84
N LYS A 231 -9.34 -27.72 -6.98
CA LYS A 231 -10.30 -27.13 -7.92
C LYS A 231 -11.16 -25.98 -7.30
N CYS A 232 -11.36 -24.92 -8.09
CA CYS A 232 -11.84 -23.64 -7.63
C CYS A 232 -12.89 -23.12 -8.51
N SER A 233 -14.00 -22.69 -7.94
CA SER A 233 -15.07 -22.15 -8.76
C SER A 233 -15.58 -20.81 -8.20
N VAL A 234 -15.81 -19.86 -9.08
CA VAL A 234 -16.24 -18.54 -8.70
C VAL A 234 -17.63 -18.61 -8.04
N VAL A 235 -17.75 -18.09 -6.82
CA VAL A 235 -19.06 -17.91 -6.15
C VAL A 235 -19.48 -16.46 -5.95
N LEU A 236 -18.54 -15.51 -5.79
CA LEU A 236 -18.91 -14.09 -5.78
C LEU A 236 -18.01 -13.27 -6.60
N GLY A 237 -18.53 -12.19 -7.13
CA GLY A 237 -17.71 -11.39 -7.98
C GLY A 237 -18.48 -10.28 -8.61
N PRO A 238 -17.87 -9.63 -9.59
CA PRO A 238 -18.55 -8.58 -10.32
C PRO A 238 -19.88 -9.00 -10.93
N LYS A 239 -20.01 -10.24 -11.29
CA LYS A 239 -21.29 -10.69 -11.83
C LYS A 239 -22.31 -11.12 -10.79
N TRP A 240 -21.82 -11.69 -9.67
CA TRP A 240 -22.66 -12.31 -8.64
C TRP A 240 -22.45 -11.76 -7.23
N PRO A 241 -23.47 -11.15 -6.64
CA PRO A 241 -23.33 -10.66 -5.26
C PRO A 241 -23.75 -11.61 -4.18
N SER A 242 -24.44 -12.68 -4.56
CA SER A 242 -24.78 -13.72 -3.57
C SER A 242 -24.81 -15.09 -4.21
N HIS A 243 -24.63 -16.09 -3.35
CA HIS A 243 -24.50 -17.46 -3.73
C HIS A 243 -25.00 -18.39 -2.66
N TYR A 244 -25.91 -19.30 -3.06
CA TYR A 244 -26.42 -20.32 -2.16
C TYR A 244 -25.35 -21.34 -2.01
N LEU A 245 -24.98 -21.66 -0.81
CA LEU A 245 -23.95 -22.64 -0.54
C LEU A 245 -24.58 -24.02 -0.38
N MET A 246 -23.84 -25.05 -0.77
CA MET A 246 -24.25 -26.43 -0.75
C MET A 246 -23.48 -27.01 0.39
N VAL A 247 -24.14 -27.30 1.50
CA VAL A 247 -23.42 -27.71 2.71
C VAL A 247 -24.06 -28.94 3.35
N PRO A 248 -23.26 -29.92 3.72
CA PRO A 248 -23.84 -31.08 4.33
C PRO A 248 -24.00 -30.89 5.83
N GLY A 249 -25.06 -31.51 6.36
CA GLY A 249 -25.30 -31.60 7.79
C GLY A 249 -24.10 -32.24 8.45
N GLY A 250 -24.05 -32.19 9.78
CA GLY A 250 -22.89 -32.70 10.53
C GLY A 250 -21.78 -31.67 10.69
N LYS A 251 -20.55 -32.14 10.66
CA LYS A 251 -19.32 -31.33 10.72
C LYS A 251 -18.78 -31.11 9.30
N HIS A 252 -18.67 -29.83 8.91
CA HIS A 252 -18.11 -29.53 7.62
C HIS A 252 -17.24 -28.26 7.65
N ASN A 253 -16.27 -28.21 6.74
CA ASN A 253 -15.33 -27.13 6.59
C ASN A 253 -15.22 -26.84 5.12
N MET A 254 -15.44 -25.60 4.75
CA MET A 254 -15.41 -25.19 3.34
C MET A 254 -14.45 -24.04 3.19
N ASP A 255 -13.57 -24.13 2.21
CA ASP A 255 -12.47 -23.24 2.07
C ASP A 255 -12.86 -22.33 0.95
N PHE A 256 -12.67 -21.00 1.16
CA PHE A 256 -12.78 -20.03 0.07
C PHE A 256 -11.50 -19.27 -0.12
N TYR A 257 -11.27 -18.87 -1.35
CA TYR A 257 -10.11 -18.10 -1.70
C TYR A 257 -10.59 -16.79 -2.21
N VAL A 258 -10.02 -15.69 -1.69
CA VAL A 258 -10.47 -14.31 -2.03
C VAL A 258 -9.35 -13.46 -2.63
N GLU A 259 -9.66 -12.75 -3.71
CA GLU A 259 -8.77 -11.76 -4.30
C GLU A 259 -9.49 -10.40 -4.41
N ALA A 260 -8.71 -9.33 -4.30
CA ALA A 260 -9.21 -8.03 -4.56
C ALA A 260 -8.89 -7.70 -6.01
N LEU A 261 -9.68 -6.83 -6.58
CA LEU A 261 -9.51 -6.35 -7.95
C LEU A 261 -9.26 -4.86 -8.07
N ALA A 262 -9.31 -4.12 -6.97
CA ALA A 262 -9.08 -2.68 -7.02
C ALA A 262 -8.28 -2.26 -5.80
N PHE A 263 -7.39 -1.31 -6.00
CA PHE A 263 -6.63 -0.69 -4.93
C PHE A 263 -7.54 0.36 -4.31
N PRO A 264 -7.29 0.69 -3.02
CA PRO A 264 -7.91 1.85 -2.43
C PRO A 264 -7.79 3.09 -3.35
N ASP A 265 -8.82 3.91 -3.39
CA ASP A 265 -8.82 5.08 -4.22
C ASP A 265 -9.85 6.08 -3.71
N THR A 266 -10.06 7.20 -4.42
CA THR A 266 -10.92 8.27 -3.87
C THR A 266 -12.35 7.81 -3.68
N ASP A 267 -12.82 6.88 -4.50
CA ASP A 267 -14.17 6.34 -4.36
C ASP A 267 -14.25 4.98 -3.62
N PHE A 268 -13.09 4.45 -3.17
CA PHE A 268 -13.00 3.16 -2.50
C PHE A 268 -12.07 3.24 -1.27
N PRO A 269 -12.64 3.28 -0.07
CA PRO A 269 -11.77 3.40 1.15
C PRO A 269 -10.88 2.20 1.43
N GLY A 270 -11.24 1.06 0.86
CA GLY A 270 -10.40 -0.12 0.89
C GLY A 270 -10.91 -1.27 1.72
N LEU A 271 -12.12 -1.16 2.27
CA LEU A 271 -12.75 -2.26 2.99
C LEU A 271 -13.74 -3.02 2.13
N ILE A 272 -13.70 -4.32 2.30
CA ILE A 272 -14.59 -5.22 1.71
C ILE A 272 -15.15 -6.15 2.75
N THR A 273 -16.47 -6.24 2.83
CA THR A 273 -17.19 -7.03 3.83
C THR A 273 -17.85 -8.20 3.11
N LEU A 274 -17.70 -9.40 3.65
CA LEU A 274 -18.34 -10.58 3.10
C LEU A 274 -19.19 -11.16 4.17
N THR A 275 -20.39 -11.56 3.83
CA THR A 275 -21.37 -11.95 4.87
C THR A 275 -21.93 -13.33 4.58
N ILE A 276 -22.19 -14.05 5.64
CA ILE A 276 -22.86 -15.31 5.59
C ILE A 276 -24.18 -15.10 6.30
N SER A 277 -25.26 -15.58 5.67
CA SER A 277 -26.59 -15.54 6.27
C SER A 277 -27.22 -16.94 6.29
N LEU A 278 -27.81 -17.28 7.42
CA LEU A 278 -28.58 -18.49 7.60
C LEU A 278 -30.08 -18.16 7.47
N LEU A 279 -30.73 -18.81 6.50
CA LEU A 279 -32.16 -18.67 6.21
C LEU A 279 -32.95 -19.93 6.57
N ASP A 280 -34.07 -19.74 7.27
CA ASP A 280 -35.10 -20.75 7.49
C ASP A 280 -35.96 -20.91 6.25
N THR A 281 -35.98 -22.10 5.69
CA THR A 281 -36.69 -22.45 4.45
C THR A 281 -37.72 -23.55 4.74
N SER A 282 -38.14 -23.66 5.98
CA SER A 282 -39.11 -24.63 6.46
C SER A 282 -40.51 -24.61 5.91
N ASN A 283 -41.02 -23.42 5.62
CA ASN A 283 -42.35 -23.27 5.14
C ASN A 283 -42.29 -23.11 3.68
N LEU A 284 -42.89 -24.07 3.00
CA LEU A 284 -42.86 -24.09 1.56
C LEU A 284 -43.72 -23.00 0.97
N GLU A 285 -44.69 -22.49 1.72
CA GLU A 285 -45.56 -21.43 1.22
C GLU A 285 -44.89 -20.06 1.35
N LEU A 286 -44.16 -19.85 2.45
CA LEU A 286 -43.63 -18.53 2.79
C LEU A 286 -42.21 -18.26 2.30
N PRO A 287 -41.84 -16.99 2.17
CA PRO A 287 -40.46 -16.62 1.87
C PRO A 287 -39.50 -17.05 2.94
N GLU A 288 -38.26 -17.23 2.56
CA GLU A 288 -37.20 -17.50 3.53
C GLU A 288 -37.03 -16.34 4.53
N ALA A 289 -36.71 -16.73 5.77
CA ALA A 289 -36.63 -15.81 6.91
C ALA A 289 -35.21 -15.83 7.51
N VAL A 290 -34.56 -14.67 7.58
CA VAL A 290 -33.19 -14.59 8.12
C VAL A 290 -33.20 -14.97 9.59
N VAL A 291 -32.25 -15.81 9.95
CA VAL A 291 -32.09 -16.30 11.30
C VAL A 291 -30.80 -15.81 11.94
N PHE A 292 -29.75 -15.61 11.17
CA PHE A 292 -28.39 -15.33 11.68
C PHE A 292 -27.54 -14.77 10.53
N GLN A 293 -26.71 -13.77 10.84
CA GLN A 293 -25.74 -13.23 9.89
C GLN A 293 -24.47 -13.05 10.63
N ASP A 294 -23.36 -13.28 9.95
CA ASP A 294 -22.06 -12.90 10.43
C ASP A 294 -21.20 -12.43 9.23
N SER A 295 -20.16 -11.68 9.54
CA SER A 295 -19.32 -11.06 8.53
C SER A 295 -17.84 -11.19 8.80
N VAL A 296 -17.02 -11.04 7.78
CA VAL A 296 -15.66 -10.74 8.02
C VAL A 296 -15.34 -9.50 7.19
N VAL A 297 -14.46 -8.67 7.71
CA VAL A 297 -14.09 -7.43 7.01
C VAL A 297 -12.63 -7.51 6.60
N PHE A 298 -12.36 -7.39 5.30
CA PHE A 298 -11.05 -7.33 4.74
C PHE A 298 -10.68 -5.90 4.42
N ARG A 299 -9.39 -5.57 4.58
CA ARG A 299 -8.87 -4.32 4.06
C ARG A 299 -7.99 -4.67 2.92
N VAL A 300 -8.10 -3.93 1.84
CA VAL A 300 -7.21 -4.12 0.72
C VAL A 300 -5.85 -3.45 0.96
N ALA A 301 -4.78 -4.23 0.75
CA ALA A 301 -3.41 -3.75 0.86
C ALA A 301 -3.08 -2.60 -0.08
N PRO A 302 -2.50 -1.55 0.49
CA PRO A 302 -2.09 -0.41 -0.31
C PRO A 302 -0.79 -0.67 -1.04
N TRP A 303 -0.64 0.05 -2.14
CA TRP A 303 0.61 0.13 -2.90
C TRP A 303 1.57 1.01 -2.11
N ILE A 304 2.77 0.50 -1.84
CA ILE A 304 3.73 1.16 -1.00
C ILE A 304 5.08 1.32 -1.71
N MET A 305 5.67 2.50 -1.62
CA MET A 305 7.02 2.76 -2.19
C MET A 305 8.18 2.48 -1.21
N THR A 306 9.38 2.34 -1.78
CA THR A 306 10.61 2.11 -0.97
C THR A 306 11.60 3.21 -1.25
N PRO A 307 12.09 3.84 -0.22
CA PRO A 307 13.09 4.91 -0.33
C PRO A 307 14.47 4.42 -0.65
N ASN A 308 15.34 5.35 -1.00
CA ASN A 308 16.72 5.03 -1.33
C ASN A 308 17.50 4.39 -0.22
N THR A 309 17.05 4.54 1.02
CA THR A 309 17.70 3.90 2.14
C THR A 309 17.35 2.43 2.31
N GLN A 310 16.60 1.85 1.37
CA GLN A 310 16.25 0.43 1.46
C GLN A 310 17.18 -0.26 0.52
N PRO A 311 17.75 -1.41 0.96
CA PRO A 311 18.73 -2.23 0.20
C PRO A 311 18.24 -2.59 -1.20
N PRO A 312 19.05 -2.34 -2.24
CA PRO A 312 18.61 -2.55 -3.62
C PRO A 312 18.63 -4.01 -3.98
N GLN A 313 17.94 -4.39 -5.05
CA GLN A 313 17.78 -5.78 -5.47
C GLN A 313 17.81 -5.96 -6.98
N GLU A 314 17.49 -4.94 -7.74
CA GLU A 314 17.51 -5.06 -9.17
C GLU A 314 17.55 -3.66 -9.76
N VAL A 315 18.32 -3.48 -10.84
CA VAL A 315 18.48 -2.17 -11.47
C VAL A 315 18.06 -2.20 -12.96
N TYR A 316 17.58 -1.07 -13.46
CA TYR A 316 17.04 -0.97 -14.81
C TYR A 316 17.69 0.16 -15.58
N ALA A 317 17.85 -0.05 -16.88
CA ALA A 317 18.33 0.99 -17.77
C ALA A 317 18.00 0.64 -19.21
N CYS A 318 18.16 1.65 -20.06
CA CYS A 318 18.10 1.49 -21.49
C CYS A 318 19.51 1.34 -22.04
N SER A 319 19.60 0.77 -23.25
CA SER A 319 20.77 0.85 -24.10
C SER A 319 20.30 1.64 -25.30
N ILE A 320 21.09 2.61 -25.74
CA ILE A 320 20.77 3.44 -26.90
C ILE A 320 22.06 3.78 -27.64
N PHE A 321 21.95 4.65 -28.64
CA PHE A 321 23.12 5.25 -29.31
C PHE A 321 24.22 5.65 -28.33
N GLU A 322 25.38 5.04 -28.51
CA GLU A 322 26.61 5.47 -27.83
C GLU A 322 26.55 5.57 -26.30
N ASN A 323 25.85 4.66 -25.62
CA ASN A 323 25.84 4.71 -24.15
C ASN A 323 26.42 3.52 -23.43
N GLU A 324 27.19 2.69 -24.16
CA GLU A 324 27.83 1.46 -23.59
C GLU A 324 28.66 1.83 -22.36
N ASP A 325 29.27 3.01 -22.41
CA ASP A 325 30.20 3.44 -21.38
C ASP A 325 29.45 3.78 -20.09
N PHE A 326 28.38 4.56 -20.23
CA PHE A 326 27.40 4.76 -19.14
C PHE A 326 26.95 3.38 -18.61
N LEU A 327 26.56 2.46 -19.54
CA LEU A 327 26.09 1.12 -19.14
C LEU A 327 27.09 0.24 -18.36
N LYS A 328 28.38 0.42 -18.61
CA LYS A 328 29.39 -0.38 -17.90
C LYS A 328 29.62 0.13 -16.49
N SER A 329 29.58 1.45 -16.31
CA SER A 329 29.78 2.01 -14.98
C SER A 329 28.64 1.59 -14.09
N VAL A 330 27.42 1.63 -14.65
CA VAL A 330 26.25 1.13 -13.93
C VAL A 330 26.37 -0.37 -13.65
N THR A 331 26.70 -1.17 -14.69
CA THR A 331 26.93 -2.63 -14.51
C THR A 331 27.91 -2.87 -13.34
N THR A 332 29.03 -2.15 -13.34
CA THR A 332 30.03 -2.34 -12.27
C THR A 332 29.41 -2.14 -10.89
N LEU A 333 28.71 -1.01 -10.76
CA LEU A 333 28.15 -0.53 -9.50
C LEU A 333 27.04 -1.48 -8.99
N ALA A 334 26.21 -1.94 -9.92
CA ALA A 334 25.28 -3.03 -9.59
C ALA A 334 26.05 -4.22 -8.98
N MET A 335 27.01 -4.74 -9.74
CA MET A 335 27.76 -5.92 -9.30
C MET A 335 28.33 -5.71 -7.89
N LYS A 336 28.79 -4.50 -7.62
CA LYS A 336 29.31 -4.19 -6.31
C LYS A 336 28.23 -4.19 -5.25
N ALA A 337 27.01 -3.78 -5.61
CA ALA A 337 25.90 -3.75 -4.68
C ALA A 337 25.06 -5.02 -4.66
N LYS A 338 25.48 -6.06 -5.37
CA LYS A 338 24.88 -7.40 -5.30
C LYS A 338 23.49 -7.41 -5.93
N CYS A 339 23.33 -6.78 -7.09
CA CYS A 339 22.01 -6.58 -7.63
C CYS A 339 21.88 -7.28 -8.91
N LYS A 340 20.72 -7.87 -9.13
CA LYS A 340 20.35 -8.24 -10.48
C LYS A 340 20.46 -6.99 -11.32
N LEU A 341 20.79 -7.14 -12.59
CA LEU A 341 20.67 -6.02 -13.51
C LEU A 341 19.74 -6.38 -14.65
N THR A 342 19.08 -5.38 -15.21
CA THR A 342 18.12 -5.55 -16.30
C THR A 342 18.18 -4.37 -17.25
N ILE A 343 18.17 -4.66 -18.55
CA ILE A 343 18.37 -3.62 -19.56
C ILE A 343 17.30 -3.77 -20.61
N CYS A 344 16.90 -2.63 -21.15
CA CYS A 344 15.88 -2.55 -22.15
C CYS A 344 16.55 -2.13 -23.46
N PRO A 345 16.63 -3.09 -24.41
CA PRO A 345 17.33 -2.82 -25.66
C PRO A 345 16.60 -1.73 -26.47
N GLU A 346 17.33 -1.07 -27.38
CA GLU A 346 16.75 0.07 -28.13
C GLU A 346 15.55 -0.25 -29.06
N GLU A 347 15.33 -1.53 -29.41
CA GLU A 347 14.17 -1.95 -30.23
C GLU A 347 12.86 -1.80 -29.44
N GLU A 348 12.92 -2.14 -28.16
CA GLU A 348 11.80 -1.92 -27.23
C GLU A 348 11.67 -0.45 -26.78
N ASN A 349 12.81 0.23 -26.58
CA ASN A 349 12.93 1.67 -26.15
C ASN A 349 12.26 2.71 -26.98
N MET A 350 12.37 2.56 -28.30
CA MET A 350 11.99 3.57 -29.27
C MET A 350 12.72 4.86 -28.96
N ASP A 351 14.00 4.71 -28.57
CA ASP A 351 14.92 5.80 -28.24
C ASP A 351 14.69 6.46 -26.86
N ASP A 352 13.72 5.97 -26.09
CA ASP A 352 13.41 6.53 -24.77
C ASP A 352 14.44 6.06 -23.74
N GLN A 353 15.29 6.96 -23.25
CA GLN A 353 16.35 6.56 -22.30
C GLN A 353 16.01 6.73 -20.81
N TRP A 354 14.87 7.38 -20.52
CA TRP A 354 14.56 7.83 -19.13
C TRP A 354 13.78 6.74 -18.38
N MET A 355 14.50 5.72 -17.91
CA MET A 355 13.91 4.53 -17.29
C MET A 355 13.16 4.90 -15.99
N GLN A 356 13.69 5.94 -15.35
CA GLN A 356 13.13 6.56 -14.16
C GLN A 356 11.70 7.03 -14.31
N ASP A 357 11.38 7.59 -15.46
CA ASP A 357 10.20 8.40 -15.60
C ASP A 357 8.93 7.63 -15.90
N GLU A 358 9.05 6.44 -16.46
CA GLU A 358 7.85 5.76 -16.94
C GLU A 358 7.29 4.89 -15.82
N MET A 359 8.08 4.57 -14.81
CA MET A 359 7.57 3.68 -13.76
C MET A 359 8.18 3.90 -12.36
N GLU A 360 7.50 3.33 -11.36
CA GLU A 360 7.99 3.33 -9.98
C GLU A 360 7.70 1.97 -9.37
N ILE A 361 8.68 1.35 -8.76
CA ILE A 361 8.53 0.00 -8.30
C ILE A 361 8.22 0.03 -6.82
N GLY A 362 7.03 -0.41 -6.46
CA GLY A 362 6.63 -0.47 -5.07
C GLY A 362 6.33 -1.90 -4.74
N TYR A 363 5.56 -2.10 -3.68
CA TYR A 363 5.15 -3.42 -3.29
C TYR A 363 3.77 -3.41 -2.61
N ILE A 364 3.19 -4.61 -2.46
CA ILE A 364 2.02 -4.85 -1.65
C ILE A 364 2.32 -5.99 -0.73
N GLN A 365 1.63 -6.06 0.38
CA GLN A 365 2.11 -6.86 1.49
C GLN A 365 0.95 -7.34 2.33
N ALA A 366 0.89 -8.65 2.46
CA ALA A 366 -0.04 -9.33 3.33
C ALA A 366 0.75 -10.39 4.14
N PRO A 367 0.21 -10.79 5.30
CA PRO A 367 0.82 -11.86 6.12
C PRO A 367 1.30 -13.11 5.39
N HIS A 368 0.61 -13.47 4.31
CA HIS A 368 0.85 -14.71 3.58
C HIS A 368 1.65 -14.52 2.28
N LYS A 369 1.90 -13.27 1.91
CA LYS A 369 2.45 -12.99 0.59
C LYS A 369 2.82 -11.50 0.44
N THR A 370 4.02 -11.27 -0.06
CA THR A 370 4.52 -9.95 -0.36
C THR A 370 4.98 -9.99 -1.81
N LEU A 371 4.66 -8.98 -2.60
CA LEU A 371 5.15 -9.00 -3.95
C LEU A 371 5.35 -7.61 -4.52
N PRO A 372 6.39 -7.43 -5.34
CA PRO A 372 6.63 -6.11 -5.91
C PRO A 372 5.54 -5.80 -6.89
N VAL A 373 5.26 -4.51 -7.09
CA VAL A 373 4.24 -4.05 -7.97
C VAL A 373 4.72 -2.76 -8.57
N VAL A 374 4.54 -2.64 -9.87
CA VAL A 374 4.99 -1.52 -10.62
C VAL A 374 3.87 -0.59 -10.88
N PHE A 375 4.12 0.67 -10.55
CA PHE A 375 3.23 1.72 -10.84
C PHE A 375 3.75 2.35 -12.12
N ASP A 376 2.90 2.33 -13.13
CA ASP A 376 3.23 2.70 -14.46
C ASP A 376 2.65 4.08 -14.73
N SER A 377 3.52 5.02 -15.07
CA SER A 377 3.11 6.40 -15.24
C SER A 377 2.36 6.53 -16.58
N PRO A 378 1.31 7.35 -16.63
CA PRO A 378 0.67 7.59 -17.92
C PRO A 378 1.48 8.49 -18.90
N ARG A 379 2.68 8.90 -18.51
CA ARG A 379 3.67 9.49 -19.43
C ARG A 379 3.57 8.93 -20.84
N ASN A 380 3.68 7.61 -20.97
CA ASN A 380 3.45 6.89 -22.23
C ASN A 380 4.27 7.35 -23.45
N ARG A 381 5.59 7.38 -23.25
CA ARG A 381 6.55 7.67 -24.31
C ARG A 381 7.20 6.33 -24.72
N GLY A 382 8.35 6.37 -25.39
CA GLY A 382 8.97 5.15 -25.87
C GLY A 382 8.95 3.91 -24.99
N LEU A 383 9.08 4.09 -23.67
CA LEU A 383 9.13 2.99 -22.72
C LEU A 383 7.75 2.51 -22.28
N LYS A 384 6.72 2.97 -22.99
CA LYS A 384 5.34 2.65 -22.76
C LYS A 384 5.04 1.16 -22.53
N GLU A 385 5.66 0.26 -23.28
CA GLU A 385 5.37 -1.17 -23.15
C GLU A 385 6.18 -1.88 -22.07
N PHE A 386 7.31 -1.29 -21.67
CA PHE A 386 8.25 -1.94 -20.74
C PHE A 386 7.56 -2.45 -19.46
N PRO A 387 6.74 -1.61 -18.80
CA PRO A 387 6.05 -2.10 -17.60
C PRO A 387 5.04 -3.23 -17.84
N ILE A 388 4.25 -3.11 -18.89
CA ILE A 388 3.26 -4.10 -19.25
C ILE A 388 3.91 -5.44 -19.59
N LYS A 389 4.88 -5.44 -20.51
CA LYS A 389 5.43 -6.68 -21.04
C LYS A 389 6.61 -7.21 -20.26
N ARG A 390 7.49 -6.31 -19.86
CA ARG A 390 8.74 -6.74 -19.31
C ARG A 390 8.83 -6.76 -17.79
N VAL A 391 8.02 -5.97 -17.10
CA VAL A 391 8.17 -5.93 -15.64
C VAL A 391 7.08 -6.72 -14.95
N MET A 392 5.84 -6.47 -15.35
CA MET A 392 4.70 -7.24 -14.85
C MET A 392 4.90 -8.71 -15.24
N GLY A 393 4.63 -9.60 -14.27
CA GLY A 393 4.73 -11.04 -14.50
C GLY A 393 4.58 -11.87 -13.23
N PRO A 394 5.11 -13.10 -13.23
CA PRO A 394 4.99 -13.95 -12.05
C PRO A 394 5.55 -13.25 -10.83
N ASP A 395 4.68 -13.03 -9.86
CA ASP A 395 5.02 -12.37 -8.62
C ASP A 395 5.52 -10.94 -8.81
N PHE A 396 5.07 -10.29 -9.87
CA PHE A 396 5.33 -8.92 -10.12
C PHE A 396 4.05 -8.23 -10.54
N GLY A 397 3.57 -7.35 -9.66
CA GLY A 397 2.29 -6.69 -9.84
C GLY A 397 2.34 -5.49 -10.75
N TYR A 398 1.15 -5.08 -11.20
CA TYR A 398 1.02 -3.95 -12.06
C TYR A 398 -0.18 -3.11 -11.66
N VAL A 399 -0.02 -1.78 -11.76
CA VAL A 399 -1.09 -0.83 -11.54
C VAL A 399 -0.78 0.41 -12.35
N THR A 400 -1.81 1.11 -12.79
CA THR A 400 -1.64 2.39 -13.49
C THR A 400 -2.80 3.37 -13.23
N ARG A 401 -2.57 4.65 -13.52
CA ARG A 401 -3.57 5.72 -13.29
C ARG A 401 -3.42 6.86 -14.27
N GLY A 402 -4.44 7.69 -14.33
CA GLY A 402 -4.44 8.86 -15.19
C GLY A 402 -4.87 8.51 -16.61
N PRO A 403 -5.15 9.56 -17.43
CA PRO A 403 -5.58 9.35 -18.80
C PRO A 403 -4.37 8.91 -19.63
N GLN A 404 -4.58 7.86 -20.41
CA GLN A 404 -3.49 7.18 -21.09
C GLN A 404 -3.13 7.84 -22.42
N THR A 405 -4.10 8.47 -23.08
CA THR A 405 -3.86 9.07 -24.41
C THR A 405 -3.87 10.61 -24.42
N GLY A 406 -3.57 11.28 -23.29
CA GLY A 406 -3.44 12.74 -23.31
C GLY A 406 -3.65 13.37 -21.95
N GLY A 407 -3.77 14.71 -21.93
CA GLY A 407 -4.03 15.48 -20.70
C GLY A 407 -2.97 15.42 -19.59
N ILE A 408 -1.72 15.24 -20.00
CA ILE A 408 -0.57 14.93 -19.15
C ILE A 408 0.35 16.16 -19.02
N SER A 409 1.29 16.09 -18.10
CA SER A 409 2.37 17.06 -18.00
C SER A 409 3.63 16.32 -17.69
N GLY A 410 4.74 17.04 -17.72
CA GLY A 410 5.98 16.46 -17.27
C GLY A 410 5.93 16.04 -15.80
N LEU A 411 5.13 16.73 -15.00
CA LEU A 411 5.07 16.44 -13.56
C LEU A 411 4.45 15.11 -13.22
N ASP A 412 3.91 14.43 -14.23
CA ASP A 412 3.44 13.03 -14.12
C ASP A 412 4.47 11.97 -14.35
N SER A 413 5.68 12.38 -14.72
CA SER A 413 6.83 11.44 -14.86
C SER A 413 7.38 11.13 -13.45
N PHE A 414 7.84 9.89 -13.24
CA PHE A 414 8.09 9.42 -11.88
C PHE A 414 9.47 9.73 -11.33
N GLY A 415 10.25 10.47 -12.07
CA GLY A 415 11.32 11.20 -11.43
C GLY A 415 10.76 12.32 -10.57
N ASN A 416 9.46 12.63 -10.72
CA ASN A 416 8.79 13.52 -9.80
C ASN A 416 8.04 12.80 -8.65
N LEU A 417 8.31 11.51 -8.44
CA LEU A 417 7.73 10.76 -7.37
C LEU A 417 8.83 10.07 -6.54
N GLU A 418 8.93 10.40 -5.26
CA GLU A 418 9.93 9.85 -4.36
C GLU A 418 9.30 9.56 -3.02
N VAL A 419 10.06 9.00 -2.09
CA VAL A 419 9.59 8.75 -0.75
C VAL A 419 10.73 8.99 0.19
N SER A 420 10.40 9.49 1.37
CA SER A 420 11.39 9.65 2.36
C SER A 420 11.63 8.33 3.10
N PRO A 421 12.74 8.28 3.82
CA PRO A 421 12.97 7.27 4.80
C PRO A 421 11.99 7.37 5.94
N PRO A 422 11.93 6.36 6.81
CA PRO A 422 11.04 6.51 7.96
C PRO A 422 11.37 7.73 8.80
N VAL A 423 10.36 8.41 9.29
CA VAL A 423 10.57 9.56 10.16
C VAL A 423 9.43 9.70 11.14
N THR A 424 9.66 10.50 12.16
CA THR A 424 8.68 10.81 13.18
C THR A 424 8.63 12.33 13.24
N VAL A 425 7.45 12.88 13.12
CA VAL A 425 7.28 14.31 13.02
C VAL A 425 6.45 14.72 14.22
N ARG A 426 7.08 15.33 15.22
CA ARG A 426 6.38 15.87 16.38
C ARG A 426 5.48 14.80 17.01
N GLY A 427 6.04 13.64 17.27
CA GLY A 427 5.28 12.53 17.86
C GLY A 427 4.82 11.49 16.85
N LYS A 428 4.21 11.94 15.76
CA LYS A 428 3.60 11.03 14.81
C LYS A 428 4.60 10.26 13.94
N GLU A 429 4.60 8.95 14.07
CA GLU A 429 5.47 8.05 13.32
C GLU A 429 4.98 7.88 11.86
N TYR A 430 5.92 7.90 10.91
CA TYR A 430 5.73 7.50 9.53
C TYR A 430 6.71 6.41 9.26
N PRO A 431 6.39 5.19 9.70
CA PRO A 431 7.33 4.12 9.68
C PRO A 431 7.67 3.64 8.29
N LEU A 432 6.89 4.05 7.28
CA LEU A 432 7.21 3.74 5.87
C LEU A 432 7.67 4.95 5.07
N GLY A 433 7.95 6.03 5.79
CA GLY A 433 8.21 7.31 5.13
C GLY A 433 6.96 8.00 4.61
N ARG A 434 7.23 9.07 3.89
CA ARG A 434 6.20 9.93 3.32
C ARG A 434 6.57 10.11 1.86
N ILE A 435 5.61 9.91 0.99
CA ILE A 435 5.78 10.16 -0.42
C ILE A 435 5.92 11.66 -0.64
N LEU A 436 6.80 12.02 -1.56
CA LEU A 436 7.05 13.38 -1.91
C LEU A 436 6.86 13.54 -3.42
N PHE A 437 6.19 14.60 -3.82
CA PHE A 437 6.05 14.86 -5.22
C PHE A 437 5.97 16.34 -5.46
N GLY A 438 6.44 16.76 -6.62
CA GLY A 438 6.57 18.17 -6.92
C GLY A 438 5.30 18.76 -7.48
N ASP A 439 5.09 20.03 -7.13
CA ASP A 439 3.94 20.83 -7.52
C ASP A 439 4.39 22.30 -7.78
N SER A 440 3.46 23.16 -8.16
CA SER A 440 3.67 24.59 -8.36
C SER A 440 3.34 25.22 -7.04
N CYS A 441 3.66 26.49 -6.80
N CYS A 441 3.69 26.50 -6.90
CA CYS A 441 3.30 27.10 -5.50
CA CYS A 441 3.43 27.32 -5.70
C CYS A 441 1.83 27.52 -5.44
C CYS A 441 1.92 27.55 -5.49
N TYR A 442 1.23 27.84 -6.59
CA TYR A 442 -0.19 28.06 -6.61
C TYR A 442 -0.56 27.81 -8.05
N PRO A 443 -1.84 27.52 -8.34
CA PRO A 443 -2.23 27.25 -9.72
C PRO A 443 -2.52 28.51 -10.60
N SER A 444 -2.00 28.52 -11.83
CA SER A 444 -2.17 29.67 -12.77
C SER A 444 -2.38 29.11 -14.16
N ASN A 445 -2.52 29.97 -15.17
CA ASN A 445 -2.56 29.49 -16.56
C ASN A 445 -1.28 28.80 -16.99
N ASP A 446 -0.16 29.10 -16.31
CA ASP A 446 1.16 28.61 -16.70
C ASP A 446 1.78 27.56 -15.73
N SER A 447 1.11 27.26 -14.61
CA SER A 447 1.60 26.28 -13.67
C SER A 447 1.29 24.88 -14.16
N ARG A 448 2.09 23.92 -13.73
CA ARG A 448 1.84 22.49 -13.92
C ARG A 448 1.65 21.80 -12.53
N GLN A 449 0.94 20.69 -12.59
CA GLN A 449 0.75 19.81 -11.45
C GLN A 449 0.76 18.37 -11.91
N MET A 450 1.05 17.47 -10.97
CA MET A 450 0.87 16.04 -11.25
C MET A 450 -0.62 15.86 -11.33
N HIS A 451 -1.05 15.00 -12.22
CA HIS A 451 -2.45 14.77 -12.47
C HIS A 451 -3.22 14.37 -11.20
N GLN A 452 -4.43 14.86 -11.06
CA GLN A 452 -5.19 14.65 -9.84
C GLN A 452 -5.44 13.16 -9.52
N ALA A 453 -5.62 12.35 -10.55
CA ALA A 453 -5.85 10.94 -10.35
C ALA A 453 -4.65 10.26 -9.70
N LEU A 454 -3.47 10.72 -10.05
CA LEU A 454 -2.25 10.20 -9.47
C LEU A 454 -2.18 10.64 -8.03
N GLN A 455 -2.49 11.92 -7.79
CA GLN A 455 -2.42 12.49 -6.45
C GLN A 455 -3.36 11.79 -5.51
N ASP A 456 -4.56 11.55 -6.00
CA ASP A 456 -5.67 10.96 -5.25
C ASP A 456 -5.39 9.50 -4.95
N PHE A 457 -4.76 8.81 -5.91
CA PHE A 457 -4.33 7.45 -5.67
C PHE A 457 -3.32 7.39 -4.52
N LEU A 458 -2.31 8.24 -4.61
CA LEU A 458 -1.22 8.20 -3.61
C LEU A 458 -1.76 8.47 -2.21
N SER A 459 -2.70 9.43 -2.12
CA SER A 459 -3.30 9.77 -0.83
C SER A 459 -4.16 8.67 -0.28
N ALA A 460 -4.90 8.01 -1.17
CA ALA A 460 -5.77 6.93 -0.76
C ALA A 460 -4.98 5.71 -0.27
N GLN A 461 -3.68 5.59 -0.62
CA GLN A 461 -2.91 4.50 -0.04
C GLN A 461 -2.73 4.71 1.45
N GLN A 462 -2.92 5.94 1.92
CA GLN A 462 -2.82 6.36 3.31
C GLN A 462 -1.44 6.29 3.98
N VAL A 463 -0.77 5.14 3.86
CA VAL A 463 0.33 4.82 4.79
C VAL A 463 1.64 5.56 4.55
N GLN A 464 1.77 6.31 3.46
CA GLN A 464 2.88 7.18 3.23
C GLN A 464 2.44 8.64 2.94
N ALA A 465 1.33 9.05 3.58
CA ALA A 465 0.80 10.44 3.64
C ALA A 465 1.55 11.46 2.83
N PRO A 466 1.21 11.58 1.54
CA PRO A 466 2.09 12.36 0.66
C PRO A 466 2.33 13.83 1.06
N VAL A 467 3.48 14.37 0.71
CA VAL A 467 3.80 15.77 0.92
C VAL A 467 4.07 16.41 -0.41
N LYS A 468 3.39 17.51 -0.72
CA LYS A 468 3.67 18.34 -1.90
C LYS A 468 4.86 19.30 -1.76
N LEU A 469 5.83 19.21 -2.67
CA LEU A 469 6.98 20.08 -2.71
C LEU A 469 6.86 21.01 -3.91
N TYR A 470 7.75 22.00 -4.00
CA TYR A 470 7.72 22.98 -5.08
C TYR A 470 8.81 22.63 -6.10
N SER A 471 8.41 22.18 -7.27
CA SER A 471 9.34 21.80 -8.33
C SER A 471 9.08 22.45 -9.70
N ASP A 472 7.98 23.15 -9.84
CA ASP A 472 7.59 23.71 -11.13
C ASP A 472 8.52 24.81 -11.63
N TRP A 473 9.36 25.35 -10.78
CA TRP A 473 10.44 26.24 -11.17
C TRP A 473 11.54 25.57 -12.01
N LEU A 474 11.58 24.23 -12.07
CA LEU A 474 12.53 23.53 -12.92
C LEU A 474 11.93 23.28 -14.26
N SER A 475 12.75 23.37 -15.28
CA SER A 475 12.23 23.14 -16.60
C SER A 475 11.54 21.78 -16.76
N VAL A 476 12.18 20.73 -16.32
CA VAL A 476 11.62 19.40 -16.34
C VAL A 476 10.59 19.22 -15.20
N GLY A 477 10.97 19.65 -14.00
CA GLY A 477 10.02 19.84 -12.92
C GLY A 477 9.92 18.69 -11.96
N HIS A 478 11.01 17.99 -11.72
CA HIS A 478 10.99 16.80 -10.90
C HIS A 478 11.74 17.03 -9.60
N VAL A 479 11.17 16.55 -8.52
CA VAL A 479 11.85 16.65 -7.23
C VAL A 479 13.21 15.93 -7.20
N ASP A 480 13.43 14.92 -8.06
CA ASP A 480 14.77 14.25 -8.13
C ASP A 480 15.88 15.19 -8.66
N GLU A 481 15.50 16.27 -9.35
CA GLU A 481 16.49 17.28 -9.74
C GLU A 481 17.06 18.13 -8.60
N PHE A 482 16.54 18.07 -7.38
CA PHE A 482 17.11 18.90 -6.31
C PHE A 482 17.28 18.20 -5.01
N LEU A 483 16.63 17.05 -4.81
CA LEU A 483 16.89 16.27 -3.61
C LEU A 483 17.28 14.84 -3.89
N SER A 484 17.91 14.24 -2.90
CA SER A 484 18.02 12.80 -2.86
C SER A 484 18.23 12.44 -1.42
N PHE A 485 18.11 11.15 -1.11
CA PHE A 485 18.37 10.64 0.25
C PHE A 485 19.44 9.56 0.18
N VAL A 486 20.23 9.41 1.25
CA VAL A 486 21.30 8.42 1.35
C VAL A 486 21.37 7.84 2.77
N PRO A 487 21.72 6.53 2.91
CA PRO A 487 21.93 5.90 4.22
C PRO A 487 23.07 6.59 4.94
N ALA A 488 22.97 6.65 6.25
CA ALA A 488 24.00 7.19 7.09
C ALA A 488 24.08 6.26 8.28
N PRO A 489 25.28 6.07 8.86
CA PRO A 489 25.35 5.14 9.99
C PRO A 489 24.80 5.71 11.28
N ASP A 490 24.53 7.00 11.37
CA ASP A 490 24.19 7.62 12.65
C ASP A 490 22.98 8.51 12.50
N ARG A 491 22.64 9.25 13.56
N ARG A 491 22.65 9.26 13.56
CA ARG A 491 21.48 10.12 13.58
CA ARG A 491 21.46 10.10 13.65
C ARG A 491 20.22 9.26 13.31
C ARG A 491 20.21 9.25 13.31
N LYS A 492 19.42 9.62 12.30
CA LYS A 492 18.21 8.92 11.98
C LYS A 492 18.43 7.88 10.93
N GLY A 493 19.67 7.66 10.50
CA GLY A 493 19.92 6.59 9.53
C GLY A 493 20.05 7.04 8.11
N PHE A 494 20.01 8.35 7.86
CA PHE A 494 20.14 8.86 6.51
C PHE A 494 20.55 10.29 6.54
N ARG A 495 20.85 10.77 5.35
CA ARG A 495 20.88 12.21 5.11
C ARG A 495 20.03 12.57 3.91
N LEU A 496 19.43 13.75 4.01
CA LEU A 496 18.80 14.38 2.87
C LEU A 496 19.89 15.17 2.17
N LEU A 497 20.00 15.00 0.87
CA LEU A 497 20.91 15.78 0.09
C LEU A 497 20.12 16.77 -0.71
N LEU A 498 20.52 18.05 -0.69
CA LEU A 498 19.89 19.08 -1.51
C LEU A 498 20.92 19.72 -2.37
N ALA A 499 20.59 19.98 -3.63
CA ALA A 499 21.39 20.85 -4.47
C ALA A 499 21.51 22.24 -3.83
N SER A 500 22.69 22.85 -4.04
CA SER A 500 23.02 24.10 -3.37
C SER A 500 23.96 24.98 -4.21
N PRO A 501 23.41 26.02 -4.84
CA PRO A 501 24.30 27.00 -5.44
C PRO A 501 25.22 27.66 -4.43
N ARG A 502 24.69 27.95 -3.26
CA ARG A 502 25.44 28.60 -2.20
C ARG A 502 26.79 27.92 -2.01
N SER A 503 26.72 26.61 -1.95
CA SER A 503 27.87 25.78 -1.65
C SER A 503 28.85 25.71 -2.81
N CYS A 504 28.33 25.79 -4.03
CA CYS A 504 29.19 25.83 -5.18
C CYS A 504 29.90 27.18 -5.32
N TYR A 505 29.25 28.28 -4.90
CA TYR A 505 29.90 29.59 -4.90
C TYR A 505 31.01 29.65 -3.85
N LYS A 506 30.68 29.22 -2.65
CA LYS A 506 31.68 29.15 -1.61
C LYS A 506 32.93 28.31 -2.05
N LEU A 507 32.72 27.14 -2.64
CA LEU A 507 33.86 26.31 -3.05
C LEU A 507 34.72 27.03 -4.11
N PHE A 508 34.09 27.51 -5.16
CA PHE A 508 34.77 28.23 -6.22
C PHE A 508 35.48 29.50 -5.73
N GLN A 509 34.82 30.23 -4.85
CA GLN A 509 35.42 31.39 -4.23
C GLN A 509 36.69 30.96 -3.49
N GLU A 510 36.59 29.89 -2.69
CA GLU A 510 37.73 29.43 -1.89
C GLU A 510 38.92 29.07 -2.75
N GLN A 511 38.67 28.43 -3.88
CA GLN A 511 39.71 28.09 -4.81
C GLN A 511 40.35 29.35 -5.39
N GLN A 512 39.54 30.33 -5.83
CA GLN A 512 40.07 31.57 -6.38
C GLN A 512 40.95 32.23 -5.32
N ASN A 513 40.40 32.39 -4.14
CA ASN A 513 41.19 32.88 -2.99
C ASN A 513 42.54 32.16 -2.82
N GLU A 514 42.59 30.87 -3.06
CA GLU A 514 43.77 30.07 -2.80
C GLU A 514 44.63 29.89 -4.05
N GLY A 515 44.40 30.70 -5.08
CA GLY A 515 45.26 30.74 -6.23
C GLY A 515 44.70 30.25 -7.55
N HIS A 516 43.52 29.64 -7.57
CA HIS A 516 43.17 28.90 -8.78
C HIS A 516 42.05 29.51 -9.58
N GLY A 517 41.94 30.84 -9.55
CA GLY A 517 40.95 31.56 -10.37
C GLY A 517 40.97 31.24 -11.85
N GLU A 518 42.15 30.85 -12.32
CA GLU A 518 42.36 30.44 -13.70
C GLU A 518 41.78 29.03 -14.03
N ALA A 519 41.49 28.20 -13.01
CA ALA A 519 41.01 26.81 -13.28
C ALA A 519 39.72 26.73 -14.11
N LEU A 520 39.62 25.72 -14.99
CA LEU A 520 38.61 25.70 -16.07
C LEU A 520 37.48 24.71 -15.83
N LEU A 521 36.25 25.19 -15.83
CA LEU A 521 35.12 24.30 -15.70
C LEU A 521 34.90 23.72 -17.08
N PHE A 522 34.55 22.43 -17.11
CA PHE A 522 34.45 21.63 -18.33
C PHE A 522 35.83 21.16 -18.86
N GLU A 523 36.85 21.14 -18.00
CA GLU A 523 38.16 20.50 -18.30
C GLU A 523 37.94 18.98 -18.55
N GLY A 524 38.29 18.54 -19.76
CA GLY A 524 37.98 17.21 -20.22
C GLY A 524 36.91 17.19 -21.30
N ILE A 525 36.33 18.32 -21.70
CA ILE A 525 35.29 18.28 -22.74
C ILE A 525 35.57 19.21 -23.91
N LYS A 526 35.89 18.58 -25.03
CA LYS A 526 35.86 19.25 -26.34
C LYS A 526 34.43 19.25 -26.84
N LYS A 527 34.20 20.00 -27.92
CA LYS A 527 32.86 20.33 -28.40
C LYS A 527 32.17 21.27 -27.39
N LYS A 528 32.95 21.90 -26.51
CA LYS A 528 32.40 22.61 -25.35
C LYS A 528 33.32 23.75 -24.89
N LYS A 529 32.71 24.90 -24.56
CA LYS A 529 33.41 26.16 -24.21
C LYS A 529 33.71 26.22 -22.71
N GLN A 530 34.99 26.07 -22.36
CA GLN A 530 35.44 26.07 -20.98
C GLN A 530 35.34 27.46 -20.40
N GLN A 531 35.21 27.56 -19.06
CA GLN A 531 35.12 28.87 -18.40
C GLN A 531 35.87 28.78 -17.11
N LYS A 532 36.47 29.90 -16.74
CA LYS A 532 37.32 29.91 -15.59
C LYS A 532 36.54 30.34 -14.38
N ILE A 533 36.95 29.82 -13.24
CA ILE A 533 36.38 30.19 -11.96
C ILE A 533 36.21 31.70 -11.77
N LYS A 534 37.17 32.52 -12.19
CA LYS A 534 37.04 33.96 -12.03
C LYS A 534 35.88 34.53 -12.86
N ASN A 535 35.64 33.97 -14.02
CA ASN A 535 34.58 34.50 -14.87
C ASN A 535 33.23 33.96 -14.43
N ILE A 536 33.22 32.75 -13.89
CA ILE A 536 32.03 32.22 -13.28
C ILE A 536 31.65 33.07 -12.09
N LEU A 537 32.58 33.32 -11.16
CA LEU A 537 32.29 34.15 -9.94
C LEU A 537 31.84 35.58 -10.23
N SER A 538 32.31 36.14 -11.32
CA SER A 538 32.05 37.52 -11.61
C SER A 538 30.87 37.64 -12.53
N ASN A 539 30.24 36.56 -12.95
CA ASN A 539 29.12 36.70 -13.90
C ASN A 539 27.86 36.92 -13.08
N LYS A 540 27.26 38.10 -13.27
CA LYS A 540 26.25 38.64 -12.36
C LYS A 540 24.84 38.10 -12.64
N THR A 541 24.51 37.93 -13.93
CA THR A 541 23.34 37.22 -14.39
C THR A 541 23.27 35.81 -13.85
N LEU A 542 24.38 35.08 -13.99
CA LEU A 542 24.46 33.73 -13.48
C LEU A 542 24.22 33.75 -11.99
N ARG A 543 24.79 34.74 -11.33
CA ARG A 543 24.66 34.86 -9.88
C ARG A 543 23.17 35.19 -9.47
N GLU A 544 22.51 35.99 -10.28
CA GLU A 544 21.13 36.30 -10.05
C GLU A 544 20.22 35.06 -10.19
N HIS A 545 20.39 34.32 -11.29
CA HIS A 545 19.66 33.12 -11.59
C HIS A 545 19.82 32.11 -10.47
N ASN A 546 21.03 31.94 -9.98
CA ASN A 546 21.26 31.03 -8.87
C ASN A 546 20.72 31.52 -7.53
N SER A 547 20.56 32.82 -7.33
CA SER A 547 19.89 33.34 -6.13
C SER A 547 18.40 33.03 -6.16
N PHE A 548 17.81 33.08 -7.34
CA PHE A 548 16.43 32.72 -7.48
C PHE A 548 16.27 31.20 -7.25
N VAL A 549 17.19 30.41 -7.79
CA VAL A 549 17.13 28.98 -7.53
C VAL A 549 17.36 28.62 -6.06
N GLU A 550 18.30 29.31 -5.43
CA GLU A 550 18.63 29.09 -3.99
C GLU A 550 17.37 29.27 -3.16
N ARG A 551 16.47 30.00 -3.73
CA ARG A 551 15.34 30.46 -3.06
C ARG A 551 14.19 29.51 -3.22
N CYS A 552 14.00 29.03 -4.44
CA CYS A 552 13.08 27.96 -4.66
C CYS A 552 13.48 26.75 -3.79
N ILE A 553 14.78 26.44 -3.75
CA ILE A 553 15.24 25.28 -3.00
C ILE A 553 15.14 25.48 -1.47
N ASP A 554 15.52 26.65 -0.97
CA ASP A 554 15.32 27.00 0.49
C ASP A 554 13.88 26.86 0.95
N TRP A 555 12.95 27.23 0.10
CA TRP A 555 11.52 27.05 0.36
C TRP A 555 11.16 25.56 0.58
N ASN A 556 11.69 24.66 -0.24
CA ASN A 556 11.46 23.22 -0.03
C ASN A 556 12.22 22.73 1.19
N ARG A 557 13.37 23.37 1.46
CA ARG A 557 14.19 22.95 2.58
C ARG A 557 13.37 23.04 3.81
N GLU A 558 12.72 24.17 4.01
CA GLU A 558 11.90 24.39 5.17
C GLU A 558 10.64 23.53 5.19
N LEU A 559 10.06 23.38 4.02
CA LEU A 559 8.91 22.51 3.83
C LEU A 559 9.29 21.08 4.26
N LEU A 560 10.41 20.58 3.78
CA LEU A 560 10.86 19.27 4.22
C LEU A 560 11.17 19.21 5.69
N LYS A 561 11.74 20.27 6.24
CA LYS A 561 12.04 20.34 7.68
C LYS A 561 10.76 20.22 8.51
N ARG A 562 9.73 20.93 8.13
CA ARG A 562 8.46 20.85 8.83
C ARG A 562 7.78 19.46 8.66
N GLU A 563 7.69 18.97 7.44
CA GLU A 563 6.86 17.78 7.14
C GLU A 563 7.54 16.43 7.37
N LEU A 564 8.88 16.43 7.45
CA LEU A 564 9.62 15.24 7.81
C LEU A 564 10.30 15.38 9.17
N GLY A 565 10.09 16.49 9.87
CA GLY A 565 10.76 16.76 11.17
C GLY A 565 12.27 16.69 11.14
N LEU A 566 12.86 17.23 10.07
CA LEU A 566 14.29 17.20 9.91
C LEU A 566 14.92 18.38 10.61
N ALA A 567 16.14 18.18 11.10
CA ALA A 567 17.00 19.26 11.55
C ALA A 567 18.15 19.46 10.53
N GLU A 568 18.83 20.60 10.62
CA GLU A 568 19.95 20.91 9.73
C GLU A 568 20.99 19.80 9.68
N SER A 569 21.19 19.15 10.80
CA SER A 569 22.15 18.06 10.86
C SER A 569 21.64 16.79 10.17
N ASP A 570 20.37 16.76 9.72
CA ASP A 570 19.95 15.73 8.77
C ASP A 570 20.28 16.06 7.33
N ILE A 571 20.71 17.28 7.03
CA ILE A 571 20.77 17.76 5.67
C ILE A 571 22.20 18.02 5.22
N ILE A 572 22.54 17.62 4.00
CA ILE A 572 23.85 17.96 3.44
C ILE A 572 23.64 18.60 2.11
N ASP A 573 24.31 19.74 1.92
CA ASP A 573 24.23 20.50 0.67
C ASP A 573 25.27 20.04 -0.35
N ILE A 574 24.83 19.74 -1.56
CA ILE A 574 25.70 19.37 -2.63
C ILE A 574 25.94 20.60 -3.49
N PRO A 575 27.20 20.88 -3.83
CA PRO A 575 27.46 22.06 -4.63
C PRO A 575 26.94 21.90 -6.03
N GLN A 576 26.10 22.84 -6.47
CA GLN A 576 25.41 22.70 -7.75
C GLN A 576 24.99 24.04 -8.28
N LEU A 577 25.38 24.37 -9.51
CA LEU A 577 24.88 25.54 -10.16
C LEU A 577 23.78 25.25 -11.19
N PHE A 578 22.96 26.26 -11.39
CA PHE A 578 21.88 26.21 -12.32
C PHE A 578 21.98 27.39 -13.23
N LYS A 579 21.16 27.38 -14.26
CA LYS A 579 20.85 28.56 -15.02
C LYS A 579 19.39 28.55 -15.46
N LEU A 580 18.82 29.72 -15.67
CA LEU A 580 17.48 29.83 -16.19
C LEU A 580 17.47 29.97 -17.73
N LYS A 581 16.43 29.43 -18.35
CA LYS A 581 16.36 29.27 -19.80
C LYS A 581 14.99 29.64 -20.28
N GLU A 582 14.35 28.78 -21.06
CA GLU A 582 13.05 29.08 -21.62
C GLU A 582 12.04 29.13 -20.48
N PHE A 583 11.24 30.21 -20.51
CA PHE A 583 10.22 30.56 -19.52
C PHE A 583 10.84 30.72 -18.14
N SER A 584 12.09 31.17 -18.12
CA SER A 584 12.84 31.34 -16.92
C SER A 584 12.81 30.11 -16.00
N LYS A 585 12.75 28.92 -16.61
CA LYS A 585 12.82 27.66 -15.90
C LYS A 585 14.25 27.22 -15.76
N ALA A 586 14.52 26.53 -14.65
CA ALA A 586 15.88 26.19 -14.23
C ALA A 586 16.32 24.89 -14.83
N GLU A 587 17.60 24.88 -15.25
CA GLU A 587 18.33 23.68 -15.66
C GLU A 587 19.69 23.67 -14.97
N ALA A 588 20.30 22.50 -14.99
CA ALA A 588 21.60 22.30 -14.43
C ALA A 588 22.74 22.94 -15.32
N PHE A 589 23.62 23.70 -14.70
CA PHE A 589 24.69 24.39 -15.39
C PHE A 589 25.81 23.39 -15.76
N PHE A 590 26.16 22.52 -14.79
CA PHE A 590 26.96 21.31 -15.06
C PHE A 590 26.16 20.07 -14.57
N PRO A 591 26.60 18.86 -14.89
CA PRO A 591 25.84 17.68 -14.49
C PRO A 591 25.37 17.67 -13.07
N ASN A 592 24.06 17.43 -12.90
CA ASN A 592 23.36 17.55 -11.63
C ASN A 592 23.65 16.41 -10.69
N MET A 593 24.57 16.62 -9.78
CA MET A 593 25.15 15.54 -9.00
C MET A 593 24.19 14.91 -8.03
N VAL A 594 23.20 15.70 -7.56
CA VAL A 594 22.20 15.22 -6.63
C VAL A 594 21.32 14.16 -7.28
N ASN A 595 21.30 14.13 -8.60
CA ASN A 595 20.47 13.21 -9.35
C ASN A 595 21.27 11.89 -9.58
N MET A 596 21.51 11.19 -8.48
CA MET A 596 22.42 10.08 -8.43
C MET A 596 21.69 8.74 -8.22
N LEU A 597 22.36 7.66 -8.57
CA LEU A 597 21.87 6.31 -8.28
C LEU A 597 22.41 5.82 -6.93
N VAL A 598 21.54 5.49 -6.01
CA VAL A 598 21.91 5.09 -4.66
C VAL A 598 21.70 3.58 -4.52
N LEU A 599 22.78 2.79 -4.53
CA LEU A 599 22.69 1.33 -4.34
C LEU A 599 23.39 0.97 -3.04
N GLY A 600 22.69 1.08 -1.92
CA GLY A 600 23.25 1.04 -0.59
C GLY A 600 24.32 2.10 -0.44
N LYS A 601 25.47 1.71 0.11
CA LYS A 601 26.60 2.60 0.27
C LYS A 601 27.32 2.95 -1.04
N HIS A 602 26.86 2.49 -2.19
CA HIS A 602 27.54 2.71 -3.48
C HIS A 602 26.83 3.72 -4.40
N LEU A 603 27.27 4.98 -4.41
CA LEU A 603 26.61 6.03 -5.15
C LEU A 603 27.09 6.16 -6.58
N GLY A 604 26.16 6.27 -7.52
CA GLY A 604 26.48 6.56 -8.93
C GLY A 604 26.13 8.02 -9.26
N ILE A 605 27.11 8.88 -9.10
CA ILE A 605 26.96 10.31 -9.14
C ILE A 605 27.37 10.83 -10.49
N PRO A 606 26.59 11.73 -11.08
CA PRO A 606 26.96 12.33 -12.37
C PRO A 606 28.30 13.09 -12.30
N LYS A 607 29.08 13.02 -13.38
CA LYS A 607 30.43 13.53 -13.36
C LYS A 607 30.36 15.01 -13.72
N PRO A 608 30.73 15.86 -12.77
CA PRO A 608 30.55 17.28 -12.99
C PRO A 608 31.48 17.89 -14.02
N PHE A 609 32.64 17.27 -14.23
CA PHE A 609 33.70 17.84 -15.02
C PHE A 609 34.07 19.22 -14.48
N GLY A 610 34.40 19.27 -13.20
CA GLY A 610 34.75 20.51 -12.57
C GLY A 610 36.14 21.03 -12.92
N PRO A 611 36.54 22.15 -12.31
CA PRO A 611 37.90 22.64 -12.39
C PRO A 611 38.88 21.69 -11.71
N VAL A 612 39.89 21.25 -12.47
CA VAL A 612 40.88 20.30 -12.01
C VAL A 612 41.98 21.07 -11.28
N ILE A 613 42.09 20.80 -9.98
CA ILE A 613 42.98 21.46 -9.06
C ILE A 613 43.67 20.38 -8.23
N ASN A 614 45.00 20.49 -8.13
N ASN A 614 44.99 20.45 -8.05
CA ASN A 614 45.87 19.47 -7.54
CA ASN A 614 45.69 19.41 -7.28
C ASN A 614 45.51 18.06 -7.95
C ASN A 614 45.49 18.02 -7.91
N GLY A 615 45.31 17.91 -9.25
CA GLY A 615 45.08 16.61 -9.87
C GLY A 615 43.65 16.06 -9.89
N ARG A 616 42.71 16.76 -9.26
N ARG A 616 42.71 16.73 -9.23
CA ARG A 616 41.32 16.29 -9.18
CA ARG A 616 41.30 16.28 -9.29
C ARG A 616 40.28 17.41 -9.42
C ARG A 616 40.28 17.41 -9.43
N CYS A 617 39.15 17.07 -10.06
CA CYS A 617 37.96 17.90 -10.05
C CYS A 617 37.57 18.30 -8.60
N CYS A 618 37.50 19.59 -8.30
CA CYS A 618 37.20 20.06 -6.92
C CYS A 618 35.74 19.79 -6.53
N LEU A 619 34.86 19.69 -7.51
CA LEU A 619 33.52 19.26 -7.27
C LEU A 619 33.50 17.84 -6.74
N GLU A 620 34.15 16.92 -7.43
CA GLU A 620 34.22 15.51 -6.97
C GLU A 620 34.84 15.48 -5.58
N GLU A 621 35.94 16.19 -5.41
CA GLU A 621 36.62 16.19 -4.12
C GLU A 621 35.73 16.71 -3.02
N LYS A 622 34.97 17.77 -3.30
CA LYS A 622 34.07 18.34 -2.29
C LYS A 622 32.95 17.34 -1.91
N VAL A 623 32.38 16.72 -2.92
CA VAL A 623 31.33 15.72 -2.68
C VAL A 623 31.85 14.56 -1.85
N CYS A 624 32.94 13.93 -2.33
CA CYS A 624 33.62 12.88 -1.57
C CYS A 624 33.91 13.29 -0.12
N SER A 625 34.27 14.54 0.11
CA SER A 625 34.56 14.95 1.50
C SER A 625 33.31 15.05 2.37
N LEU A 626 32.15 15.25 1.75
CA LEU A 626 30.88 15.25 2.51
C LEU A 626 30.28 13.87 2.66
N LEU A 627 30.56 12.98 1.73
CA LEU A 627 29.90 11.66 1.74
C LEU A 627 30.74 10.51 2.30
N GLU A 628 32.03 10.48 2.00
CA GLU A 628 32.87 9.38 2.44
C GLU A 628 32.91 9.20 3.97
N PRO A 629 32.84 10.28 4.75
CA PRO A 629 32.69 10.04 6.20
C PRO A 629 31.36 9.39 6.64
N LEU A 630 30.43 9.14 5.73
CA LEU A 630 29.21 8.42 6.08
C LEU A 630 29.32 6.98 5.60
N GLY A 631 30.50 6.61 5.13
CA GLY A 631 30.75 5.28 4.63
C GLY A 631 30.29 5.12 3.21
N LEU A 632 30.12 6.23 2.50
CA LEU A 632 29.64 6.13 1.17
C LEU A 632 30.79 6.14 0.19
N GLN A 633 30.62 5.37 -0.88
CA GLN A 633 31.59 5.27 -1.94
C GLN A 633 30.99 6.00 -3.10
N CYS A 634 31.71 6.99 -3.61
CA CYS A 634 31.25 7.77 -4.72
C CYS A 634 31.93 7.37 -5.99
N THR A 635 31.15 7.04 -7.01
CA THR A 635 31.68 6.73 -8.30
C THR A 635 31.10 7.78 -9.19
N PHE A 636 31.93 8.46 -9.97
CA PHE A 636 31.46 9.46 -10.87
C PHE A 636 31.34 8.91 -12.28
N ILE A 637 30.11 8.84 -12.75
CA ILE A 637 29.82 8.32 -14.04
C ILE A 637 29.64 9.45 -15.04
N ASN A 638 30.25 9.30 -16.21
CA ASN A 638 30.17 10.28 -17.25
C ASN A 638 28.90 10.08 -18.03
N ASP A 639 28.02 11.09 -18.00
CA ASP A 639 26.73 10.99 -18.67
C ASP A 639 26.48 12.16 -19.58
N PHE A 640 27.56 12.82 -20.01
CA PHE A 640 27.47 14.21 -20.52
C PHE A 640 26.73 14.41 -21.83
N PHE A 641 27.13 13.70 -22.88
CA PHE A 641 26.52 13.82 -24.21
C PHE A 641 25.31 12.91 -24.40
N THR A 642 25.29 11.82 -23.63
CA THR A 642 24.19 10.88 -23.60
C THR A 642 22.94 11.40 -22.89
N TYR A 643 23.09 11.85 -21.64
CA TYR A 643 21.98 12.26 -20.75
C TYR A 643 21.91 13.75 -20.45
N HIS A 644 23.03 14.32 -20.01
CA HIS A 644 23.03 15.67 -19.45
C HIS A 644 22.53 16.71 -20.43
N ILE A 645 23.03 16.67 -21.67
CA ILE A 645 22.65 17.62 -22.73
C ILE A 645 21.21 17.36 -23.20
N ARG A 646 20.68 16.21 -22.79
CA ARG A 646 19.25 15.91 -22.90
C ARG A 646 18.39 16.26 -21.66
N HIS A 647 18.95 16.98 -20.69
CA HIS A 647 18.23 17.58 -19.56
C HIS A 647 17.92 16.57 -18.44
N GLY A 648 18.76 15.57 -18.28
CA GLY A 648 18.59 14.61 -17.19
C GLY A 648 19.94 14.01 -16.86
N GLU A 649 20.06 13.32 -15.74
CA GLU A 649 21.31 12.62 -15.38
C GLU A 649 21.13 11.08 -15.15
N VAL A 650 21.98 10.51 -14.29
CA VAL A 650 22.10 9.07 -13.99
C VAL A 650 20.83 8.54 -13.33
N HIS A 651 20.34 9.24 -12.29
CA HIS A 651 19.05 8.88 -11.67
C HIS A 651 17.92 8.87 -12.72
N CYS A 652 17.85 9.88 -13.58
CA CYS A 652 16.82 9.89 -14.62
C CYS A 652 16.93 8.74 -15.65
N GLY A 653 18.16 8.24 -15.90
CA GLY A 653 18.39 7.14 -16.85
C GLY A 653 18.15 5.74 -16.30
N THR A 654 17.94 5.61 -14.98
CA THR A 654 17.83 4.32 -14.30
C THR A 654 16.62 4.16 -13.37
N ASN A 655 16.39 2.93 -12.89
CA ASN A 655 15.39 2.65 -11.85
C ASN A 655 15.81 1.51 -10.93
N VAL A 656 15.23 1.38 -9.74
CA VAL A 656 15.70 0.36 -8.79
C VAL A 656 14.53 -0.28 -8.08
N ARG A 657 14.54 -1.60 -7.97
CA ARG A 657 13.63 -2.26 -7.09
C ARG A 657 14.37 -2.47 -5.83
N ARG A 658 13.70 -2.29 -4.72
CA ARG A 658 14.35 -2.37 -3.43
C ARG A 658 13.53 -3.19 -2.49
N LYS A 659 14.17 -3.56 -1.40
CA LYS A 659 13.56 -4.45 -0.43
C LYS A 659 12.39 -3.77 0.33
N PRO A 660 11.22 -4.44 0.39
CA PRO A 660 10.09 -3.92 1.17
C PRO A 660 10.42 -3.69 2.60
N PHE A 661 9.74 -2.77 3.28
CA PHE A 661 10.00 -2.53 4.69
C PHE A 661 9.67 -3.81 5.46
N SER A 662 10.28 -3.97 6.61
CA SER A 662 10.00 -5.09 7.48
C SER A 662 8.82 -4.73 8.29
N PHE A 663 8.72 -3.46 8.67
CA PHE A 663 7.56 -3.00 9.38
C PHE A 663 6.30 -3.27 8.52
N LYS A 664 5.26 -3.78 9.16
CA LYS A 664 4.03 -4.18 8.49
C LYS A 664 3.07 -3.00 8.45
N TRP A 665 2.62 -2.64 7.25
CA TRP A 665 1.84 -1.42 7.08
C TRP A 665 0.57 -1.38 7.96
N TRP A 666 -0.04 -2.53 8.18
CA TRP A 666 -1.26 -2.56 8.96
C TRP A 666 -1.02 -2.23 10.41
N ASN A 667 0.23 -2.28 10.87
CA ASN A 667 0.55 -1.89 12.24
C ASN A 667 0.72 -0.40 12.47
N MET A 668 0.64 0.37 11.42
CA MET A 668 0.69 1.82 11.53
C MET A 668 -0.67 2.28 11.99
N VAL A 669 -0.76 3.45 12.57
CA VAL A 669 -2.08 4.04 12.80
C VAL A 669 -2.11 5.39 12.07
N PRO A 670 -2.47 5.41 10.77
CA PRO A 670 -2.35 6.63 9.97
C PRO A 670 -3.24 7.74 10.51
S SO4 B . 5.29 19.76 -19.81
O1 SO4 B . 5.97 19.42 -18.53
O2 SO4 B . 6.00 20.91 -20.41
O3 SO4 B . 5.31 18.53 -20.67
O4 SO4 B . 3.86 20.14 -19.59
S SO4 C . 39.94 36.05 -19.07
O1 SO4 C . 39.88 37.10 -20.10
O2 SO4 C . 41.36 35.81 -18.64
O3 SO4 C . 39.31 34.86 -19.73
O4 SO4 C . 39.22 36.48 -17.83
CA CA D . 10.96 8.13 -8.81
CA CA E . 2.85 4.26 -19.12
CA CA F . -1.59 -14.05 -9.14
CA CA G . 1.88 -14.51 -7.50
CA CA H . -7.88 -15.26 -12.76
C23 8HT I . 18.74 19.22 -28.84
C22 8HT I . 17.46 18.84 -29.20
C24 8HT I . 19.26 18.82 -27.63
C30 8HT I . 8.70 17.10 -20.94
C31 8HT I . 8.17 15.82 -20.93
C21 8HT I . 16.72 18.05 -28.34
C25 8HT I . 18.52 18.03 -26.78
C16 8HT I . 16.02 15.57 -26.54
C18 8HT I . 16.14 17.37 -24.98
C15 8HT I . 15.26 14.84 -25.64
C19 8HT I . 15.38 16.65 -24.07
C29 8HT I . 10.07 17.35 -20.96
C32 8HT I . 8.98 14.70 -20.92
C20 8HT I . 17.24 17.64 -27.13
C17 8HT I . 16.46 16.84 -26.22
C14 8HT I . 14.95 15.38 -24.41
C28 8HT I . 10.89 16.23 -20.95
C33 8HT I . 10.33 14.96 -20.93
C26 8HT I . 12.52 14.87 -20.95
C12 8HT I . 14.14 14.63 -23.43
C3 8HT I . 14.45 12.95 -15.08
C2 8HT I . 15.68 13.80 -14.76
C7 8HT I . 13.79 13.67 -18.63
C8 8HT I . 14.54 14.42 -19.69
C6 8HT I . 14.63 13.73 -17.40
C9 8HT I . 13.84 14.22 -20.99
N27 8HT I . 12.27 16.16 -20.97
N4 8HT I . 13.98 12.19 -14.15
N34 8HT I . 11.39 14.10 -20.92
N11 8HT I . 14.60 14.76 -22.12
N5 8HT I . 13.95 12.99 -16.36
O13 8HT I . 13.17 13.99 -23.81
#